data_8AUZ
#
_entry.id   8AUZ
#
_cell.length_a   67.417
_cell.length_b   114.880
_cell.length_c   67.530
_cell.angle_alpha   90.000
_cell.angle_beta   99.370
_cell.angle_gamma   90.000
#
_symmetry.space_group_name_H-M   'P 1 21 1'
#
loop_
_entity.id
_entity.type
_entity.pdbx_description
1 polymer 'Glycogen synthase kinase-3 beta'
2 non-polymer 'SULFATE ION'
3 non-polymer 8-morpholin-4-yl-2-pyridin-3-yl-[1,3]oxazolo[5,4-f]quinoxaline
4 water water
#
_entity_poly.entity_id   1
_entity_poly.type   'polypeptide(L)'
_entity_poly.pdbx_seq_one_letter_code
;MKVSRDKDGSKVTTVVATPGQGPDRPQEVSYTDTKVIGNGSFGVVYQAKLCDSGELVAIKKVLQDKRFKNRELQIMRKLD
HCNIVRLRYFFYSSGEKKDEVYLNLVLDYVPETVYRVARHYSRAKQTLPVIYVKLYMYQLFRSLAYIHSFGICHRDIKPQ
NLLLDPDTAVLKLCDFGSAKQLVRGEPNVS(PTR)ICSRYYRAPELIFGATDYTSSIDVWSAGCVLAELLLGQPIFPGDS
GVDQLVEIIKVLGTPTREQIREMNPNYTEFKFPQIKAHPWTKVFRPRTPPEAIALCSRLLEYTPTARLTPLEACAHSFFD
ELRDPNVKLPNGRDTPALFNFTTQELSSNPPLATILIPPHARAHHHHHH
;
_entity_poly.pdbx_strand_id   A,B
#
# COMPACT_ATOMS: atom_id res chain seq x y z
N LYS A 2 16.17 31.58 -4.55
CA LYS A 2 15.78 32.81 -5.31
C LYS A 2 14.38 32.60 -5.94
N VAL A 3 13.32 32.99 -5.22
CA VAL A 3 11.93 33.17 -5.76
C VAL A 3 11.79 34.62 -6.29
N SER A 4 11.44 34.77 -7.58
CA SER A 4 11.24 36.08 -8.28
C SER A 4 9.95 36.03 -9.13
N ARG A 5 9.73 37.06 -9.97
CA ARG A 5 8.73 37.06 -11.08
C ARG A 5 9.47 37.34 -12.41
N ASP A 6 8.87 36.93 -13.54
CA ASP A 6 9.53 36.89 -14.89
C ASP A 6 9.15 38.14 -15.71
N LYS A 7 9.25 38.04 -17.04
CA LYS A 7 8.83 39.10 -18.01
C LYS A 7 7.30 39.17 -18.05
N ASP A 8 6.63 38.04 -17.79
CA ASP A 8 5.15 37.87 -17.87
C ASP A 8 4.56 37.70 -16.46
N GLY A 9 5.37 37.95 -15.41
CA GLY A 9 4.91 38.01 -14.00
C GLY A 9 4.68 36.63 -13.39
N SER A 10 5.10 35.55 -14.09
CA SER A 10 5.05 34.14 -13.60
C SER A 10 6.04 33.95 -12.44
N LYS A 11 5.64 33.22 -11.39
CA LYS A 11 6.50 32.91 -10.21
C LYS A 11 7.64 31.97 -10.63
N VAL A 12 8.86 32.50 -10.79
CA VAL A 12 10.08 31.72 -11.20
C VAL A 12 10.89 31.37 -9.95
N THR A 13 11.17 30.07 -9.75
CA THR A 13 12.11 29.53 -8.73
C THR A 13 13.49 29.39 -9.36
N THR A 14 14.54 29.88 -8.70
CA THR A 14 15.94 29.77 -9.16
C THR A 14 16.77 29.07 -8.10
N VAL A 15 17.54 28.07 -8.52
CA VAL A 15 18.28 27.16 -7.61
C VAL A 15 19.63 26.83 -8.24
N VAL A 16 20.54 26.34 -7.40
CA VAL A 16 21.90 25.89 -7.77
C VAL A 16 21.91 24.38 -7.77
N ALA A 17 22.07 23.77 -8.95
CA ALA A 17 21.84 22.34 -9.21
C ALA A 17 23.02 21.77 -9.96
N THR A 18 23.46 20.57 -9.56
CA THR A 18 24.54 19.80 -10.20
C THR A 18 23.94 18.91 -11.27
N PRO A 19 24.42 18.97 -12.53
CA PRO A 19 23.88 18.11 -13.56
C PRO A 19 23.90 16.65 -13.06
N GLY A 20 22.99 15.83 -13.53
CA GLY A 20 22.91 14.40 -13.13
C GLY A 20 24.02 13.61 -13.78
N GLN A 21 24.27 13.91 -15.04
CA GLN A 21 25.27 13.25 -15.91
C GLN A 21 26.10 14.36 -16.54
N GLY A 22 27.40 14.11 -16.75
CA GLY A 22 28.39 15.14 -17.05
C GLY A 22 29.09 15.65 -15.78
N PRO A 23 30.01 16.63 -15.93
CA PRO A 23 30.94 16.98 -14.86
C PRO A 23 30.24 17.65 -13.67
N ASP A 24 30.75 17.41 -12.46
CA ASP A 24 30.18 17.85 -11.16
C ASP A 24 30.29 19.39 -11.05
N ARG A 25 29.48 20.15 -11.78
CA ARG A 25 29.69 21.61 -12.06
C ARG A 25 28.41 22.41 -11.81
N PRO A 26 28.14 22.83 -10.56
CA PRO A 26 26.83 23.39 -10.18
C PRO A 26 26.44 24.65 -10.95
N GLN A 27 25.41 24.59 -11.80
CA GLN A 27 24.90 25.76 -12.55
C GLN A 27 23.60 26.22 -11.93
N GLU A 28 23.23 27.48 -12.17
CA GLU A 28 21.92 28.07 -11.80
C GLU A 28 20.85 27.52 -12.76
N VAL A 29 19.71 27.10 -12.19
CA VAL A 29 18.53 26.56 -12.93
C VAL A 29 17.27 27.28 -12.45
N SER A 30 16.43 27.69 -13.40
CA SER A 30 15.19 28.45 -13.15
C SER A 30 14.01 27.69 -13.77
N TYR A 31 12.99 27.37 -12.95
CA TYR A 31 11.75 26.65 -13.36
C TYR A 31 10.53 27.35 -12.76
N THR A 32 9.37 27.15 -13.38
CA THR A 32 8.07 27.75 -13.03
C THR A 32 6.95 26.70 -13.22
N ASP A 33 5.68 27.08 -12.98
CA ASP A 33 4.47 26.24 -13.20
C ASP A 33 4.54 25.03 -12.27
N THR A 34 4.98 25.25 -11.04
CA THR A 34 5.25 24.22 -10.03
C THR A 34 3.91 23.70 -9.50
N LYS A 35 3.70 22.36 -9.51
CA LYS A 35 2.50 21.70 -8.92
C LYS A 35 2.86 20.27 -8.47
N VAL A 36 2.20 19.82 -7.41
CA VAL A 36 2.34 18.47 -6.80
C VAL A 36 1.61 17.43 -7.65
N ILE A 37 2.33 16.41 -8.14
CA ILE A 37 1.73 15.32 -8.97
C ILE A 37 1.85 14.00 -8.23
N GLY A 38 2.42 13.99 -7.03
CA GLY A 38 2.65 12.74 -6.29
C GLY A 38 3.17 12.99 -4.91
N ASN A 39 3.06 11.98 -4.03
CA ASN A 39 3.68 11.98 -2.68
C ASN A 39 3.73 10.54 -2.14
N GLY A 40 4.65 10.27 -1.19
CA GLY A 40 4.85 9.00 -0.48
C GLY A 40 5.65 9.20 0.81
N SER A 41 6.08 8.12 1.45
CA SER A 41 6.93 8.14 2.68
C SER A 41 8.10 9.10 2.45
N PHE A 42 8.59 9.16 1.21
CA PHE A 42 9.85 9.83 0.81
C PHE A 42 9.66 11.35 0.83
N GLY A 43 8.50 11.80 0.39
CA GLY A 43 8.12 13.22 0.34
C GLY A 43 7.15 13.48 -0.79
N VAL A 44 7.42 14.50 -1.59
CA VAL A 44 6.50 15.00 -2.66
C VAL A 44 7.21 14.87 -4.00
N VAL A 45 6.43 14.74 -5.08
CA VAL A 45 6.86 14.86 -6.50
C VAL A 45 6.08 15.99 -7.14
N TYR A 46 6.80 16.88 -7.82
CA TYR A 46 6.29 18.11 -8.49
C TYR A 46 6.47 17.97 -9.99
N GLN A 47 5.61 18.63 -10.74
CA GLN A 47 5.88 19.11 -12.10
C GLN A 47 6.30 20.56 -12.00
N ALA A 48 7.31 20.93 -12.76
CA ALA A 48 7.63 22.32 -13.10
C ALA A 48 8.15 22.38 -14.53
N LYS A 49 8.24 23.61 -15.07
CA LYS A 49 8.69 23.90 -16.47
C LYS A 49 10.00 24.66 -16.39
N LEU A 50 11.04 24.16 -17.04
CA LEU A 50 12.32 24.87 -17.17
C LEU A 50 12.07 26.10 -18.00
N CYS A 51 12.33 27.29 -17.42
CA CYS A 51 12.20 28.62 -18.07
C CYS A 51 12.94 28.61 -19.42
N ASP A 52 14.24 28.39 -19.39
CA ASP A 52 15.15 28.54 -20.57
C ASP A 52 14.54 27.83 -21.79
N SER A 53 14.16 26.56 -21.64
CA SER A 53 13.88 25.61 -22.76
C SER A 53 12.38 25.27 -22.83
N GLY A 54 11.62 25.52 -21.76
CA GLY A 54 10.17 25.25 -21.70
C GLY A 54 9.87 23.76 -21.46
N GLU A 55 10.90 22.91 -21.43
CA GLU A 55 10.82 21.44 -21.13
C GLU A 55 10.20 21.24 -19.77
N LEU A 56 9.43 20.16 -19.62
CA LEU A 56 8.77 19.79 -18.37
C LEU A 56 9.63 18.77 -17.64
N VAL A 57 9.57 18.76 -16.33
CA VAL A 57 10.38 17.87 -15.45
C VAL A 57 9.52 17.40 -14.31
N ALA A 58 9.89 16.31 -13.68
CA ALA A 58 9.47 15.94 -12.33
C ALA A 58 10.59 16.27 -11.37
N ILE A 59 10.24 16.68 -10.15
CA ILE A 59 11.19 16.95 -9.04
C ILE A 59 10.73 16.15 -7.83
N LYS A 60 11.47 15.09 -7.48
CA LYS A 60 11.21 14.23 -6.31
C LYS A 60 11.98 14.76 -5.12
N LYS A 61 11.26 15.26 -4.10
CA LYS A 61 11.87 15.87 -2.91
C LYS A 61 11.90 14.81 -1.81
N VAL A 62 13.09 14.36 -1.43
CA VAL A 62 13.32 13.43 -0.30
C VAL A 62 14.04 14.19 0.82
N LEU A 63 13.82 13.75 2.06
CA LEU A 63 14.53 14.23 3.25
C LEU A 63 15.93 13.59 3.28
N GLN A 64 16.95 14.38 3.61
CA GLN A 64 18.35 13.92 3.59
C GLN A 64 18.97 14.07 4.99
N ASP A 65 19.10 12.94 5.71
CA ASP A 65 20.04 12.77 6.85
C ASP A 65 21.43 13.26 6.41
N LYS A 66 21.85 14.43 6.89
CA LYS A 66 23.15 15.07 6.55
C LYS A 66 24.25 14.01 6.58
N ARG A 67 24.17 13.06 7.52
CA ARG A 67 25.24 12.09 7.85
C ARG A 67 25.16 10.86 6.92
N PHE A 68 23.95 10.35 6.66
CA PHE A 68 23.65 9.28 5.67
C PHE A 68 23.84 9.84 4.25
N LYS A 69 24.39 9.04 3.32
CA LYS A 69 24.47 9.34 1.85
C LYS A 69 23.29 8.68 1.13
N ASN A 70 22.84 9.30 0.04
CA ASN A 70 21.59 8.92 -0.68
C ASN A 70 21.90 7.82 -1.71
N ARG A 71 21.49 6.60 -1.41
CA ARG A 71 21.56 5.43 -2.32
C ARG A 71 20.99 5.83 -3.69
N GLU A 72 19.78 6.39 -3.71
CA GLU A 72 19.02 6.59 -4.95
C GLU A 72 19.81 7.56 -5.86
N LEU A 73 20.30 8.64 -5.28
CA LEU A 73 21.10 9.64 -6.00
C LEU A 73 22.28 8.96 -6.70
N GLN A 74 23.01 8.12 -5.95
CA GLN A 74 24.28 7.48 -6.40
C GLN A 74 23.99 6.65 -7.67
N ILE A 75 22.92 5.85 -7.64
CA ILE A 75 22.46 4.98 -8.75
C ILE A 75 22.00 5.86 -9.91
N MET A 76 21.07 6.79 -9.68
CA MET A 76 20.55 7.69 -10.74
C MET A 76 21.72 8.26 -11.57
N ARG A 77 22.84 8.58 -10.91
CA ARG A 77 23.97 9.30 -11.55
C ARG A 77 24.74 8.33 -12.47
N LYS A 78 24.80 7.03 -12.12
CA LYS A 78 25.49 5.98 -12.92
C LYS A 78 24.67 5.67 -14.19
N LEU A 79 23.32 5.76 -14.11
CA LEU A 79 22.36 5.25 -15.15
C LEU A 79 22.24 6.25 -16.30
N ASP A 80 22.26 5.74 -17.53
CA ASP A 80 21.97 6.50 -18.76
C ASP A 80 21.48 5.51 -19.83
N HIS A 81 20.15 5.48 -20.09
CA HIS A 81 19.48 4.47 -20.94
C HIS A 81 18.20 5.06 -21.54
N CYS A 82 17.88 4.69 -22.78
CA CYS A 82 16.74 5.26 -23.56
C CYS A 82 15.40 4.85 -22.90
N ASN A 83 15.42 3.88 -21.95
CA ASN A 83 14.22 3.32 -21.27
C ASN A 83 14.36 3.46 -19.76
N ILE A 84 15.13 4.45 -19.31
CA ILE A 84 15.18 4.87 -17.87
C ILE A 84 15.10 6.38 -17.82
N VAL A 85 14.36 6.92 -16.87
CA VAL A 85 14.08 8.38 -16.81
C VAL A 85 15.39 9.06 -16.39
N ARG A 86 15.76 10.11 -17.11
CA ARG A 86 17.03 10.83 -16.91
C ARG A 86 16.92 11.72 -15.69
N LEU A 87 17.88 11.59 -14.76
CA LEU A 87 18.28 12.69 -13.84
C LEU A 87 18.94 13.77 -14.66
N ARG A 88 18.28 14.93 -14.80
CA ARG A 88 18.83 16.15 -15.45
C ARG A 88 19.72 16.92 -14.48
N TYR A 89 19.34 16.98 -13.20
CA TYR A 89 20.00 17.76 -12.13
C TYR A 89 19.51 17.26 -10.78
N PHE A 90 20.32 17.41 -9.73
CA PHE A 90 19.87 17.40 -8.32
C PHE A 90 20.22 18.76 -7.70
N PHE A 91 19.53 19.10 -6.62
CA PHE A 91 19.87 20.23 -5.74
C PHE A 91 19.31 19.98 -4.35
N TYR A 92 19.56 20.90 -3.43
CA TYR A 92 19.14 20.86 -2.03
C TYR A 92 18.29 22.11 -1.72
N SER A 93 17.45 22.04 -0.68
CA SER A 93 16.57 23.16 -0.25
C SER A 93 16.11 22.96 1.18
N SER A 94 15.42 23.97 1.75
CA SER A 94 14.46 23.83 2.88
C SER A 94 13.08 23.44 2.34
N ASP A 99 14.84 22.76 10.54
CA ASP A 99 16.33 22.83 10.49
C ASP A 99 16.86 21.70 9.61
N GLU A 100 16.10 21.29 8.58
CA GLU A 100 16.26 19.98 7.88
C GLU A 100 16.67 20.23 6.41
N VAL A 101 17.41 19.27 5.83
CA VAL A 101 17.95 19.31 4.44
C VAL A 101 17.16 18.33 3.57
N TYR A 102 16.73 18.78 2.40
CA TYR A 102 16.01 17.96 1.41
C TYR A 102 16.84 17.84 0.15
N LEU A 103 16.86 16.65 -0.42
CA LEU A 103 17.45 16.38 -1.75
C LEU A 103 16.33 16.46 -2.78
N ASN A 104 16.54 17.23 -3.84
CA ASN A 104 15.57 17.37 -4.94
C ASN A 104 16.18 16.75 -6.19
N LEU A 105 15.46 15.77 -6.80
CA LEU A 105 15.88 15.11 -8.04
C LEU A 105 15.03 15.62 -9.18
N VAL A 106 15.66 16.10 -10.24
CA VAL A 106 15.04 16.68 -11.44
C VAL A 106 15.19 15.68 -12.56
N LEU A 107 14.06 15.21 -13.08
CA LEU A 107 13.92 14.10 -14.02
C LEU A 107 13.06 14.57 -15.18
N ASP A 108 13.32 14.10 -16.39
CA ASP A 108 12.42 14.29 -17.56
C ASP A 108 10.97 14.01 -17.10
N TYR A 109 10.04 14.92 -17.36
CA TYR A 109 8.57 14.64 -17.28
C TYR A 109 8.20 13.67 -18.39
N VAL A 110 7.38 12.66 -18.08
CA VAL A 110 6.77 11.74 -19.08
C VAL A 110 5.27 11.63 -18.81
N PRO A 111 4.44 11.97 -19.82
CA PRO A 111 3.05 12.33 -19.57
C PRO A 111 2.16 11.22 -18.98
N GLU A 112 2.37 9.94 -19.39
CA GLU A 112 1.49 8.81 -19.01
C GLU A 112 2.28 7.75 -18.22
N THR A 113 1.58 6.71 -17.70
CA THR A 113 2.16 5.45 -17.17
C THR A 113 1.44 4.25 -17.77
N VAL A 114 2.00 3.06 -17.59
CA VAL A 114 1.42 1.78 -18.08
C VAL A 114 0.20 1.44 -17.24
N TYR A 115 0.20 1.80 -15.95
CA TYR A 115 -0.94 1.53 -15.02
C TYR A 115 -2.18 2.24 -15.53
N ARG A 116 -2.05 3.53 -15.81
CA ARG A 116 -3.18 4.42 -16.19
C ARG A 116 -3.74 4.00 -17.54
N VAL A 117 -2.87 3.57 -18.46
CA VAL A 117 -3.26 3.05 -19.81
C VAL A 117 -4.02 1.72 -19.64
N ALA A 118 -3.47 0.76 -18.90
CA ALA A 118 -4.09 -0.59 -18.67
C ALA A 118 -5.51 -0.42 -18.13
N ARG A 119 -5.73 0.60 -17.28
CA ARG A 119 -6.98 0.77 -16.50
C ARG A 119 -8.06 1.32 -17.43
N HIS A 120 -7.78 2.39 -18.16
CA HIS A 120 -8.64 2.90 -19.25
CA HIS A 120 -8.63 2.91 -19.27
C HIS A 120 -9.30 1.71 -19.95
N TYR A 121 -8.53 0.70 -20.30
CA TYR A 121 -8.96 -0.50 -21.05
C TYR A 121 -9.82 -1.39 -20.17
N SER A 122 -9.36 -1.69 -18.95
CA SER A 122 -10.04 -2.67 -18.06
C SER A 122 -11.38 -2.07 -17.59
N ARG A 123 -11.42 -0.76 -17.36
CA ARG A 123 -12.65 0.00 -17.00
C ARG A 123 -13.66 -0.08 -18.15
N ALA A 124 -13.19 -0.24 -19.40
CA ALA A 124 -14.04 -0.41 -20.61
C ALA A 124 -14.10 -1.89 -21.01
N LYS A 125 -13.67 -2.78 -20.11
CA LYS A 125 -13.86 -4.26 -20.18
C LYS A 125 -13.12 -4.85 -21.39
N GLN A 126 -12.17 -4.09 -21.95
CA GLN A 126 -11.27 -4.56 -23.03
C GLN A 126 -9.87 -4.80 -22.48
N THR A 127 -9.06 -5.56 -23.23
CA THR A 127 -7.61 -5.74 -22.99
C THR A 127 -6.83 -4.90 -24.00
N LEU A 128 -5.79 -4.24 -23.51
CA LEU A 128 -4.74 -3.62 -24.33
C LEU A 128 -4.43 -4.56 -25.49
N PRO A 129 -4.45 -4.07 -26.75
CA PRO A 129 -3.88 -4.82 -27.87
C PRO A 129 -2.47 -5.32 -27.55
N VAL A 130 -2.16 -6.55 -27.96
CA VAL A 130 -0.93 -7.27 -27.61
C VAL A 130 0.29 -6.51 -28.14
N ILE A 131 0.13 -5.67 -29.16
CA ILE A 131 1.29 -4.91 -29.74
C ILE A 131 1.76 -3.89 -28.70
N TYR A 132 0.85 -3.34 -27.91
CA TYR A 132 1.18 -2.39 -26.82
C TYR A 132 1.86 -3.14 -25.68
N VAL A 133 1.32 -4.29 -25.32
CA VAL A 133 1.94 -5.23 -24.33
C VAL A 133 3.35 -5.60 -24.81
N LYS A 134 3.53 -6.00 -26.07
CA LYS A 134 4.86 -6.33 -26.65
C LYS A 134 5.82 -5.14 -26.47
N LEU A 135 5.44 -3.97 -27.01
CA LEU A 135 6.28 -2.72 -26.94
C LEU A 135 6.69 -2.45 -25.49
N TYR A 136 5.74 -2.50 -24.55
CA TYR A 136 5.97 -2.09 -23.15
C TYR A 136 6.85 -3.13 -22.46
N MET A 137 6.48 -4.41 -22.54
CA MET A 137 7.25 -5.46 -21.82
C MET A 137 8.70 -5.48 -22.35
N TYR A 138 8.89 -5.51 -23.67
CA TYR A 138 10.23 -5.55 -24.32
C TYR A 138 11.13 -4.45 -23.76
N GLN A 139 10.60 -3.23 -23.71
CA GLN A 139 11.34 -2.03 -23.27
C GLN A 139 11.68 -2.15 -21.79
N LEU A 140 10.78 -2.72 -20.99
CA LEU A 140 11.01 -2.91 -19.54
C LEU A 140 12.20 -3.83 -19.37
N PHE A 141 12.15 -4.99 -20.02
CA PHE A 141 13.22 -6.00 -20.01
C PHE A 141 14.54 -5.34 -20.43
N ARG A 142 14.52 -4.48 -21.46
CA ARG A 142 15.72 -3.74 -21.91
C ARG A 142 16.28 -2.97 -20.72
N SER A 143 15.45 -2.16 -20.08
CA SER A 143 15.84 -1.33 -18.94
C SER A 143 16.41 -2.23 -17.84
N LEU A 144 15.76 -3.37 -17.57
CA LEU A 144 16.15 -4.34 -16.49
C LEU A 144 17.51 -4.96 -16.79
N ALA A 145 17.78 -5.23 -18.05
CA ALA A 145 19.04 -5.85 -18.52
C ALA A 145 20.19 -4.86 -18.27
N TYR A 146 20.03 -3.61 -18.75
CA TYR A 146 20.93 -2.47 -18.45
C TYR A 146 21.30 -2.51 -16.97
N ILE A 147 20.32 -2.33 -16.08
CA ILE A 147 20.58 -2.08 -14.63
C ILE A 147 21.15 -3.35 -13.97
N HIS A 148 20.76 -4.54 -14.42
CA HIS A 148 21.19 -5.85 -13.83
C HIS A 148 22.65 -6.13 -14.24
N SER A 149 23.14 -5.45 -15.28
CA SER A 149 24.53 -5.54 -15.81
C SER A 149 25.48 -4.70 -14.94
N PHE A 150 24.95 -4.04 -13.90
CA PHE A 150 25.71 -3.30 -12.87
C PHE A 150 25.43 -3.93 -11.51
N GLY A 151 24.62 -4.99 -11.47
CA GLY A 151 24.15 -5.63 -10.23
C GLY A 151 23.16 -4.75 -9.47
N ILE A 152 22.59 -3.76 -10.15
CA ILE A 152 21.51 -2.90 -9.60
C ILE A 152 20.18 -3.60 -9.83
N CYS A 153 19.34 -3.63 -8.81
CA CYS A 153 18.04 -4.30 -8.79
C CYS A 153 16.98 -3.32 -8.33
N HIS A 154 16.02 -2.99 -9.18
CA HIS A 154 15.01 -1.93 -8.95
C HIS A 154 14.24 -2.22 -7.66
N ARG A 155 13.70 -3.45 -7.54
CA ARG A 155 13.03 -3.96 -6.31
C ARG A 155 11.65 -3.32 -6.09
N ASP A 156 11.16 -2.54 -7.06
CA ASP A 156 9.75 -2.07 -7.03
C ASP A 156 9.20 -1.94 -8.46
N ILE A 157 9.50 -2.92 -9.31
CA ILE A 157 8.87 -3.08 -10.66
C ILE A 157 7.35 -3.23 -10.49
N LYS A 158 6.58 -2.32 -11.09
CA LYS A 158 5.11 -2.27 -11.06
C LYS A 158 4.63 -1.22 -12.07
N PRO A 159 3.43 -1.38 -12.64
CA PRO A 159 3.02 -0.60 -13.80
C PRO A 159 3.00 0.93 -13.55
N GLN A 160 2.73 1.37 -12.32
CA GLN A 160 2.72 2.79 -11.91
C GLN A 160 4.12 3.40 -12.07
N ASN A 161 5.17 2.56 -12.08
CA ASN A 161 6.59 2.97 -12.21
C ASN A 161 7.08 2.74 -13.63
N LEU A 162 6.17 2.50 -14.58
CA LEU A 162 6.50 2.43 -16.03
C LEU A 162 5.83 3.60 -16.75
N LEU A 163 6.60 4.66 -16.94
CA LEU A 163 6.18 5.90 -17.62
C LEU A 163 6.23 5.63 -19.10
N LEU A 164 5.30 6.23 -19.87
CA LEU A 164 5.33 6.17 -21.35
C LEU A 164 4.77 7.47 -21.95
N ASP A 165 5.37 7.88 -23.07
CA ASP A 165 4.86 8.88 -24.05
C ASP A 165 3.89 8.18 -25.00
N PRO A 166 2.59 8.51 -24.95
CA PRO A 166 1.58 7.78 -25.73
C PRO A 166 1.71 7.83 -27.26
N ASP A 167 2.49 8.78 -27.79
CA ASP A 167 2.63 9.00 -29.25
C ASP A 167 3.78 8.14 -29.81
N THR A 168 4.88 8.02 -29.07
CA THR A 168 6.11 7.30 -29.49
C THR A 168 6.07 5.85 -29.00
N ALA A 169 5.39 5.59 -27.87
CA ALA A 169 5.36 4.29 -27.16
C ALA A 169 6.70 4.02 -26.46
N VAL A 170 7.50 5.04 -26.23
CA VAL A 170 8.77 4.96 -25.44
C VAL A 170 8.42 4.71 -23.98
N LEU A 171 9.05 3.72 -23.37
CA LEU A 171 8.90 3.43 -21.92
C LEU A 171 10.14 3.89 -21.18
N LYS A 172 9.96 4.65 -20.10
CA LYS A 172 11.02 4.99 -19.11
C LYS A 172 10.64 4.41 -17.74
N LEU A 173 11.51 3.54 -17.22
CA LEU A 173 11.49 3.01 -15.84
C LEU A 173 11.74 4.15 -14.88
N CYS A 174 11.08 4.17 -13.73
CA CYS A 174 11.23 5.27 -12.75
C CYS A 174 11.01 4.77 -11.33
N ASP A 175 11.14 5.67 -10.37
CA ASP A 175 11.17 5.39 -8.92
C ASP A 175 12.26 4.35 -8.59
N PHE A 176 13.51 4.78 -8.43
CA PHE A 176 14.64 3.94 -7.95
C PHE A 176 14.79 4.14 -6.44
N GLY A 177 13.70 4.45 -5.74
CA GLY A 177 13.69 4.70 -4.28
C GLY A 177 13.88 3.42 -3.48
N SER A 178 13.82 2.26 -4.15
CA SER A 178 13.94 0.92 -3.54
C SER A 178 15.12 0.19 -4.16
N ALA A 179 15.75 0.77 -5.18
CA ALA A 179 16.85 0.14 -5.92
C ALA A 179 18.04 -0.05 -4.99
N LYS A 180 18.96 -0.92 -5.35
CA LYS A 180 20.13 -1.29 -4.53
C LYS A 180 21.07 -2.13 -5.36
N GLN A 181 22.35 -1.74 -5.44
CA GLN A 181 23.42 -2.60 -5.94
C GLN A 181 23.57 -3.76 -4.96
N LEU A 182 23.20 -4.96 -5.41
CA LEU A 182 23.19 -6.19 -4.58
C LEU A 182 24.64 -6.67 -4.41
N VAL A 183 24.94 -7.28 -3.26
CA VAL A 183 26.32 -7.64 -2.82
C VAL A 183 26.30 -9.04 -2.19
N ARG A 184 26.79 -10.04 -2.92
CA ARG A 184 27.00 -11.44 -2.40
C ARG A 184 27.40 -11.37 -0.93
N GLY A 185 26.59 -11.92 -0.03
CA GLY A 185 26.94 -12.10 1.40
C GLY A 185 26.42 -10.98 2.29
N GLU A 186 26.00 -9.85 1.71
CA GLU A 186 25.29 -8.77 2.44
C GLU A 186 23.78 -9.02 2.35
N PRO A 187 23.09 -9.14 3.51
CA PRO A 187 21.65 -9.36 3.52
C PRO A 187 20.85 -8.19 2.93
N ASN A 188 19.64 -8.49 2.41
CA ASN A 188 18.68 -7.50 1.86
C ASN A 188 17.34 -7.66 2.58
N VAL A 189 16.73 -6.55 3.01
CA VAL A 189 15.33 -6.49 3.54
C VAL A 189 14.40 -7.31 2.61
N SER A 190 13.47 -8.10 3.20
CA SER A 190 12.55 -9.03 2.51
C SER A 190 11.20 -8.37 2.25
N ILE A 192 9.94 -5.89 0.78
CA ILE A 192 10.27 -4.92 -0.24
C ILE A 192 9.27 -5.13 -1.38
N CYS A 193 9.27 -4.24 -2.36
CA CYS A 193 8.46 -4.39 -3.59
C CYS A 193 6.99 -4.25 -3.22
N SER A 194 6.13 -3.83 -4.14
CA SER A 194 4.65 -3.75 -3.94
C SER A 194 4.04 -5.16 -3.94
N ARG A 195 3.05 -5.38 -3.07
CA ARG A 195 2.52 -6.71 -2.74
C ARG A 195 2.39 -7.56 -4.01
N TYR A 196 1.58 -7.13 -4.97
CA TYR A 196 1.11 -7.96 -6.12
C TYR A 196 2.31 -8.42 -6.95
N TYR A 197 3.38 -7.62 -6.99
CA TYR A 197 4.55 -7.82 -7.87
C TYR A 197 5.70 -8.43 -7.04
N ARG A 198 5.43 -8.77 -5.78
CA ARG A 198 6.44 -9.27 -4.80
C ARG A 198 6.72 -10.74 -5.05
N ALA A 199 7.98 -11.08 -5.36
CA ALA A 199 8.45 -12.44 -5.67
C ALA A 199 8.26 -13.34 -4.44
N PRO A 200 7.98 -14.63 -4.63
CA PRO A 200 7.61 -15.51 -3.53
C PRO A 200 8.64 -15.53 -2.39
N GLU A 201 9.92 -15.64 -2.75
CA GLU A 201 11.05 -15.78 -1.79
C GLU A 201 11.02 -14.61 -0.80
N LEU A 202 10.57 -13.44 -1.24
CA LEU A 202 10.47 -12.23 -0.38
C LEU A 202 9.44 -12.46 0.72
N ILE A 203 8.32 -13.13 0.39
CA ILE A 203 7.20 -13.38 1.33
C ILE A 203 7.63 -14.46 2.33
N PHE A 204 8.67 -15.23 1.98
CA PHE A 204 9.24 -16.31 2.81
C PHE A 204 10.34 -15.76 3.72
N GLY A 205 10.69 -14.48 3.56
CA GLY A 205 11.61 -13.76 4.47
C GLY A 205 13.04 -13.79 3.97
N ALA A 206 13.29 -14.41 2.81
CA ALA A 206 14.62 -14.44 2.16
C ALA A 206 15.25 -13.04 2.23
N THR A 207 16.49 -12.97 2.73
CA THR A 207 17.32 -11.75 2.79
C THR A 207 18.53 -11.94 1.87
N ASP A 208 18.59 -13.07 1.18
CA ASP A 208 19.67 -13.45 0.26
C ASP A 208 19.06 -13.73 -1.12
N TYR A 209 18.39 -12.72 -1.72
CA TYR A 209 17.78 -12.82 -3.08
C TYR A 209 18.72 -12.17 -4.10
N THR A 210 18.26 -12.06 -5.34
CA THR A 210 19.02 -11.55 -6.52
C THR A 210 18.15 -10.62 -7.35
N SER A 211 18.72 -10.04 -8.40
CA SER A 211 18.03 -9.14 -9.35
C SER A 211 17.01 -9.95 -10.17
N SER A 212 16.90 -11.25 -9.90
CA SER A 212 15.89 -12.13 -10.54
C SER A 212 14.52 -11.86 -9.95
N ILE A 213 14.43 -11.07 -8.85
CA ILE A 213 13.10 -10.71 -8.25
C ILE A 213 12.35 -9.77 -9.19
N ASP A 214 13.09 -9.00 -10.00
CA ASP A 214 12.53 -7.97 -10.91
C ASP A 214 11.90 -8.66 -12.10
N VAL A 215 12.40 -9.84 -12.45
CA VAL A 215 11.87 -10.68 -13.56
C VAL A 215 10.49 -11.19 -13.19
N TRP A 216 10.37 -11.79 -12.00
CA TRP A 216 9.07 -12.09 -11.36
C TRP A 216 8.18 -10.87 -11.53
N SER A 217 8.55 -9.76 -10.90
CA SER A 217 7.73 -8.52 -10.89
C SER A 217 7.24 -8.24 -12.31
N ALA A 218 8.12 -8.40 -13.30
CA ALA A 218 7.86 -8.10 -14.73
C ALA A 218 6.81 -9.09 -15.27
N GLY A 219 6.93 -10.37 -14.90
CA GLY A 219 5.94 -11.41 -15.24
C GLY A 219 4.55 -11.05 -14.72
N CYS A 220 4.48 -10.57 -13.49
CA CYS A 220 3.21 -10.10 -12.84
C CYS A 220 2.59 -8.98 -13.67
N VAL A 221 3.40 -8.16 -14.33
CA VAL A 221 2.93 -7.01 -15.15
C VAL A 221 2.39 -7.54 -16.48
N LEU A 222 3.22 -8.27 -17.25
CA LEU A 222 2.78 -8.97 -18.49
C LEU A 222 1.43 -9.61 -18.24
N ALA A 223 1.38 -10.51 -17.26
CA ALA A 223 0.13 -11.18 -16.82
C ALA A 223 -0.96 -10.14 -16.74
N GLU A 224 -0.71 -9.07 -15.96
CA GLU A 224 -1.73 -8.03 -15.67
C GLU A 224 -2.29 -7.50 -16.98
N LEU A 225 -1.41 -7.22 -17.96
CA LEU A 225 -1.78 -6.50 -19.22
C LEU A 225 -2.63 -7.42 -20.11
N LEU A 226 -2.35 -8.73 -20.11
CA LEU A 226 -3.16 -9.77 -20.80
C LEU A 226 -4.51 -9.92 -20.08
N LEU A 227 -4.49 -10.00 -18.76
CA LEU A 227 -5.68 -10.33 -17.92
C LEU A 227 -6.64 -9.14 -17.88
N GLY A 228 -6.12 -7.93 -17.72
CA GLY A 228 -6.92 -6.72 -17.43
C GLY A 228 -7.01 -6.45 -15.95
N GLN A 229 -6.30 -7.22 -15.14
CA GLN A 229 -6.29 -7.07 -13.67
C GLN A 229 -5.15 -7.86 -13.09
N PRO A 230 -4.69 -7.54 -11.86
CA PRO A 230 -3.61 -8.28 -11.23
C PRO A 230 -3.87 -9.79 -11.20
N ILE A 231 -2.87 -10.57 -11.57
CA ILE A 231 -2.89 -12.05 -11.56
C ILE A 231 -2.90 -12.56 -10.11
N PHE A 232 -2.20 -11.87 -9.19
CA PHE A 232 -1.99 -12.34 -7.79
C PHE A 232 -2.47 -11.30 -6.79
N PRO A 233 -3.81 -11.02 -6.72
CA PRO A 233 -4.32 -9.91 -5.92
C PRO A 233 -4.37 -10.18 -4.40
N GLY A 234 -3.26 -10.58 -3.81
CA GLY A 234 -3.11 -10.73 -2.35
C GLY A 234 -3.73 -9.54 -1.63
N ASP A 235 -4.47 -9.83 -0.56
CA ASP A 235 -5.06 -8.80 0.35
C ASP A 235 -4.01 -8.42 1.41
N SER A 236 -3.09 -9.33 1.74
CA SER A 236 -2.02 -9.16 2.76
C SER A 236 -0.71 -9.82 2.31
N GLY A 237 0.38 -9.59 3.05
CA GLY A 237 1.74 -10.05 2.71
C GLY A 237 1.81 -11.56 2.50
N VAL A 238 1.06 -12.35 3.28
CA VAL A 238 1.13 -13.85 3.25
C VAL A 238 0.01 -14.37 2.35
N ASP A 239 -1.13 -13.66 2.31
CA ASP A 239 -2.26 -13.97 1.41
C ASP A 239 -1.77 -13.92 -0.04
N GLN A 240 -0.86 -12.98 -0.35
CA GLN A 240 -0.17 -12.92 -1.66
C GLN A 240 0.26 -14.33 -2.04
N LEU A 241 0.99 -15.00 -1.16
CA LEU A 241 1.52 -16.36 -1.38
C LEU A 241 0.36 -17.31 -1.69
N VAL A 242 -0.72 -17.19 -0.93
CA VAL A 242 -1.98 -17.93 -1.18
C VAL A 242 -2.31 -17.77 -2.67
N GLU A 243 -2.44 -16.52 -3.11
CA GLU A 243 -2.93 -16.16 -4.47
C GLU A 243 -1.98 -16.71 -5.53
N ILE A 244 -0.67 -16.60 -5.31
CA ILE A 244 0.38 -17.16 -6.22
C ILE A 244 0.14 -18.67 -6.35
N ILE A 245 -0.26 -19.31 -5.24
CA ILE A 245 -0.37 -20.80 -5.13
C ILE A 245 -1.64 -21.26 -5.83
N LYS A 246 -2.71 -20.47 -5.76
CA LYS A 246 -4.02 -20.76 -6.40
C LYS A 246 -3.80 -20.99 -7.90
N VAL A 247 -2.70 -20.47 -8.46
CA VAL A 247 -2.36 -20.59 -9.90
C VAL A 247 -1.24 -21.62 -10.09
N LEU A 248 -0.09 -21.41 -9.43
CA LEU A 248 1.14 -22.21 -9.67
C LEU A 248 1.06 -23.56 -8.93
N GLY A 249 0.16 -23.66 -7.96
CA GLY A 249 0.09 -24.79 -7.00
C GLY A 249 1.23 -24.73 -6.03
N THR A 250 1.13 -25.45 -4.92
CA THR A 250 2.22 -25.59 -3.91
C THR A 250 3.52 -25.86 -4.65
N PRO A 251 4.63 -25.22 -4.24
CA PRO A 251 5.96 -25.60 -4.72
C PRO A 251 6.50 -26.86 -4.06
N THR A 252 7.27 -27.66 -4.82
CA THR A 252 8.13 -28.76 -4.30
C THR A 252 8.95 -28.23 -3.13
N ARG A 253 9.50 -29.11 -2.30
CA ARG A 253 10.41 -28.77 -1.18
C ARG A 253 11.73 -28.21 -1.75
N GLU A 254 12.18 -28.76 -2.88
CA GLU A 254 13.43 -28.37 -3.59
C GLU A 254 13.34 -26.89 -4.00
N GLN A 255 12.17 -26.46 -4.49
CA GLN A 255 11.90 -25.04 -4.86
C GLN A 255 11.99 -24.19 -3.60
N ILE A 256 11.23 -24.55 -2.56
CA ILE A 256 11.13 -23.80 -1.27
C ILE A 256 12.55 -23.58 -0.71
N ARG A 257 13.50 -24.44 -1.04
CA ARG A 257 14.92 -24.32 -0.62
C ARG A 257 15.60 -23.27 -1.51
N GLU A 258 15.37 -23.33 -2.83
CA GLU A 258 15.93 -22.40 -3.85
C GLU A 258 15.55 -20.95 -3.50
N MET A 259 14.36 -20.77 -2.94
CA MET A 259 13.81 -19.44 -2.56
C MET A 259 14.43 -18.99 -1.23
N ASN A 260 14.30 -19.79 -0.17
CA ASN A 260 14.87 -19.49 1.17
C ASN A 260 15.21 -20.80 1.89
N PRO A 261 16.51 -21.14 2.05
CA PRO A 261 16.90 -22.35 2.79
C PRO A 261 16.48 -22.27 4.27
N ASN A 262 16.72 -21.12 4.91
CA ASN A 262 16.30 -20.83 6.30
C ASN A 262 14.97 -20.07 6.28
N TYR A 263 13.86 -20.80 6.37
CA TYR A 263 12.46 -20.28 6.35
C TYR A 263 11.77 -20.63 7.69
N THR A 264 10.46 -20.36 7.77
CA THR A 264 9.63 -20.58 8.99
C THR A 264 8.27 -21.16 8.59
N GLU A 265 7.42 -21.47 9.58
CA GLU A 265 6.20 -22.30 9.42
C GLU A 265 5.04 -21.44 8.90
N PHE A 266 4.64 -21.63 7.63
CA PHE A 266 3.43 -21.02 7.00
C PHE A 266 2.27 -22.02 7.07
N LYS A 267 2.58 -23.32 6.90
CA LYS A 267 1.64 -24.46 7.11
C LYS A 267 0.32 -24.17 6.38
N PHE A 268 0.34 -24.24 5.03
CA PHE A 268 -0.83 -24.00 4.15
C PHE A 268 -1.24 -25.32 3.48
N PRO A 269 -2.47 -25.40 2.89
CA PRO A 269 -2.92 -26.63 2.21
C PRO A 269 -2.16 -26.92 0.90
N GLN A 270 -1.92 -28.21 0.63
CA GLN A 270 -1.42 -28.75 -0.67
C GLN A 270 -2.50 -28.52 -1.76
N ILE A 271 -2.37 -27.45 -2.54
CA ILE A 271 -3.24 -27.10 -3.70
C ILE A 271 -2.54 -27.52 -5.00
N LYS A 272 -3.31 -27.93 -6.02
CA LYS A 272 -2.78 -28.45 -7.31
C LYS A 272 -2.71 -27.31 -8.35
N ALA A 273 -1.67 -27.33 -9.20
CA ALA A 273 -1.38 -26.32 -10.25
C ALA A 273 -2.57 -26.20 -11.22
N HIS A 274 -3.12 -24.99 -11.37
CA HIS A 274 -4.10 -24.61 -12.43
C HIS A 274 -3.39 -24.61 -13.78
N PRO A 275 -4.02 -25.14 -14.85
CA PRO A 275 -3.41 -25.08 -16.19
C PRO A 275 -3.26 -23.62 -16.64
N TRP A 276 -2.09 -23.30 -17.23
CA TRP A 276 -1.67 -21.92 -17.62
C TRP A 276 -2.68 -21.30 -18.58
N THR A 277 -3.08 -22.03 -19.61
CA THR A 277 -3.88 -21.52 -20.74
C THR A 277 -5.25 -21.04 -20.23
N LYS A 278 -5.75 -21.65 -19.14
CA LYS A 278 -7.13 -21.44 -18.61
C LYS A 278 -7.14 -20.24 -17.68
N VAL A 279 -5.98 -19.77 -17.23
CA VAL A 279 -5.81 -18.54 -16.40
C VAL A 279 -6.21 -17.31 -17.24
N PHE A 280 -5.80 -17.26 -18.50
CA PHE A 280 -6.00 -16.10 -19.42
C PHE A 280 -7.31 -16.29 -20.18
N ARG A 281 -7.67 -15.34 -21.05
CA ARG A 281 -8.89 -15.42 -21.89
C ARG A 281 -8.56 -16.21 -23.15
N PRO A 282 -9.56 -16.58 -23.98
CA PRO A 282 -9.40 -17.62 -24.99
C PRO A 282 -8.51 -17.24 -26.18
N ARG A 283 -8.54 -15.97 -26.58
CA ARG A 283 -7.81 -15.47 -27.78
C ARG A 283 -6.36 -15.09 -27.41
N THR A 284 -5.99 -15.20 -26.12
CA THR A 284 -4.65 -14.83 -25.61
C THR A 284 -3.59 -15.57 -26.42
N PRO A 285 -2.70 -14.85 -27.13
CA PRO A 285 -1.66 -15.50 -27.92
C PRO A 285 -0.85 -16.41 -27.01
N PRO A 286 -0.60 -17.67 -27.45
CA PRO A 286 0.13 -18.64 -26.63
C PRO A 286 1.57 -18.25 -26.33
N GLU A 287 2.28 -17.67 -27.31
CA GLU A 287 3.66 -17.14 -27.13
C GLU A 287 3.70 -16.34 -25.82
N ALA A 288 2.67 -15.51 -25.57
CA ALA A 288 2.56 -14.63 -24.40
C ALA A 288 2.49 -15.48 -23.14
N ILE A 289 1.53 -16.40 -23.09
CA ILE A 289 1.31 -17.30 -21.92
C ILE A 289 2.61 -18.07 -21.65
N ALA A 290 3.30 -18.51 -22.70
CA ALA A 290 4.54 -19.32 -22.62
C ALA A 290 5.62 -18.49 -21.91
N LEU A 291 5.91 -17.30 -22.44
CA LEU A 291 6.84 -16.30 -21.83
C LEU A 291 6.47 -16.07 -20.37
N CYS A 292 5.23 -15.71 -20.15
CA CYS A 292 4.67 -15.55 -18.80
C CYS A 292 5.11 -16.72 -17.90
N SER A 293 4.93 -17.97 -18.34
CA SER A 293 5.28 -19.18 -17.55
C SER A 293 6.77 -19.17 -17.22
N ARG A 294 7.61 -18.74 -18.17
CA ARG A 294 9.09 -18.80 -18.06
C ARG A 294 9.60 -17.67 -17.14
N LEU A 295 8.72 -16.70 -16.80
CA LEU A 295 9.01 -15.59 -15.86
C LEU A 295 8.54 -15.95 -14.46
N LEU A 296 7.26 -16.32 -14.33
CA LEU A 296 6.60 -16.61 -13.03
C LEU A 296 6.92 -18.06 -12.56
N GLU A 297 8.21 -18.38 -12.38
CA GLU A 297 8.73 -19.63 -11.78
C GLU A 297 9.17 -19.35 -10.34
N TYR A 298 8.84 -20.27 -9.44
CA TYR A 298 9.28 -20.29 -8.01
C TYR A 298 10.80 -20.21 -7.89
N THR A 299 11.52 -21.03 -8.66
CA THR A 299 12.99 -21.21 -8.53
C THR A 299 13.69 -20.03 -9.20
N PRO A 300 14.19 -19.05 -8.41
CA PRO A 300 14.70 -17.79 -8.96
C PRO A 300 15.68 -17.97 -10.13
N THR A 301 16.43 -19.06 -10.12
CA THR A 301 17.48 -19.37 -11.13
C THR A 301 16.86 -19.90 -12.42
N ALA A 302 15.56 -20.26 -12.40
CA ALA A 302 14.81 -20.86 -13.54
C ALA A 302 14.11 -19.75 -14.35
N ARG A 303 13.79 -18.62 -13.70
CA ARG A 303 13.24 -17.42 -14.36
C ARG A 303 14.17 -17.04 -15.50
N LEU A 304 13.61 -16.64 -16.64
CA LEU A 304 14.40 -16.06 -17.77
C LEU A 304 15.26 -14.90 -17.22
N THR A 305 16.30 -14.49 -17.94
CA THR A 305 17.03 -13.21 -17.76
C THR A 305 16.32 -12.15 -18.57
N PRO A 306 16.48 -10.84 -18.22
CA PRO A 306 15.87 -9.76 -19.00
C PRO A 306 16.31 -9.77 -20.47
N LEU A 307 17.56 -10.08 -20.74
CA LEU A 307 18.10 -10.15 -22.11
C LEU A 307 17.46 -11.37 -22.81
N GLU A 308 17.42 -12.51 -22.09
CA GLU A 308 16.71 -13.74 -22.52
C GLU A 308 15.28 -13.37 -22.90
N ALA A 309 14.60 -12.57 -22.05
CA ALA A 309 13.16 -12.25 -22.16
C ALA A 309 12.92 -11.43 -23.44
N CYS A 310 13.73 -10.40 -23.65
CA CYS A 310 13.76 -9.59 -24.92
C CYS A 310 13.85 -10.50 -26.14
N ALA A 311 14.52 -11.65 -26.03
CA ALA A 311 14.80 -12.54 -27.18
C ALA A 311 13.53 -13.34 -27.53
N HIS A 312 12.61 -13.51 -26.56
CA HIS A 312 11.52 -14.52 -26.58
C HIS A 312 10.63 -14.29 -27.81
N SER A 313 10.03 -15.35 -28.35
CA SER A 313 9.32 -15.34 -29.65
C SER A 313 8.14 -14.35 -29.58
N PHE A 314 7.65 -14.06 -28.36
CA PHE A 314 6.52 -13.12 -28.12
C PHE A 314 6.86 -11.77 -28.72
N PHE A 315 8.16 -11.46 -28.85
CA PHE A 315 8.66 -10.14 -29.31
C PHE A 315 9.13 -10.22 -30.77
N ASP A 316 8.82 -11.31 -31.48
CA ASP A 316 9.20 -11.50 -32.90
C ASP A 316 8.54 -10.42 -33.75
N GLU A 317 7.27 -10.12 -33.51
CA GLU A 317 6.51 -9.09 -34.28
C GLU A 317 7.26 -7.75 -34.25
N LEU A 318 7.93 -7.43 -33.12
CA LEU A 318 8.73 -6.19 -32.94
C LEU A 318 9.90 -6.20 -33.92
N ARG A 319 10.45 -7.39 -34.21
CA ARG A 319 11.68 -7.58 -35.01
C ARG A 319 11.33 -7.76 -36.49
N ASP A 320 10.06 -7.56 -36.86
CA ASP A 320 9.58 -7.58 -38.27
C ASP A 320 9.93 -6.23 -38.91
N PRO A 321 10.62 -6.22 -40.07
CA PRO A 321 10.98 -4.97 -40.74
C PRO A 321 9.79 -4.05 -41.01
N ASN A 322 8.61 -4.63 -41.22
CA ASN A 322 7.40 -3.94 -41.76
C ASN A 322 6.54 -3.36 -40.60
N VAL A 323 7.07 -3.37 -39.37
CA VAL A 323 6.29 -3.08 -38.14
C VAL A 323 6.17 -1.58 -37.95
N LYS A 324 5.00 -1.11 -37.50
CA LYS A 324 4.74 0.32 -37.18
C LYS A 324 3.96 0.41 -35.85
N LEU A 325 3.90 1.60 -35.26
CA LEU A 325 2.93 1.92 -34.19
C LEU A 325 1.53 1.90 -34.79
N PRO A 326 0.50 1.59 -33.97
CA PRO A 326 -0.90 1.71 -34.40
C PRO A 326 -1.32 3.08 -34.95
N ASN A 327 -0.54 4.11 -34.66
CA ASN A 327 -0.86 5.52 -35.00
C ASN A 327 -0.16 5.87 -36.33
N GLY A 328 0.53 4.90 -36.94
CA GLY A 328 1.10 4.99 -38.28
C GLY A 328 2.61 5.23 -38.25
N ARG A 329 3.12 5.81 -37.15
CA ARG A 329 4.56 6.23 -36.99
C ARG A 329 5.42 4.99 -36.76
N ASP A 330 6.72 5.11 -37.02
CA ASP A 330 7.72 4.02 -36.84
C ASP A 330 7.90 3.74 -35.36
N THR A 331 8.51 2.59 -35.05
CA THR A 331 8.74 2.10 -33.68
C THR A 331 9.92 2.85 -33.06
N PRO A 332 9.91 3.08 -31.73
CA PRO A 332 11.06 3.65 -31.05
C PRO A 332 12.29 2.77 -31.23
N ALA A 333 13.47 3.32 -30.90
CA ALA A 333 14.78 2.64 -30.95
C ALA A 333 14.73 1.39 -30.08
N LEU A 334 14.70 0.20 -30.68
CA LEU A 334 14.51 -1.09 -29.96
C LEU A 334 15.79 -1.94 -30.05
N PHE A 335 16.72 -1.59 -30.93
CA PHE A 335 17.76 -2.52 -31.43
C PHE A 335 19.17 -2.00 -31.07
N ASN A 336 19.31 -0.70 -30.79
CA ASN A 336 20.62 -0.04 -30.56
C ASN A 336 21.16 -0.45 -29.18
N PHE A 337 21.41 -1.75 -29.00
CA PHE A 337 22.04 -2.33 -27.79
C PHE A 337 23.49 -1.86 -27.74
N THR A 338 23.96 -1.45 -26.57
CA THR A 338 25.38 -1.29 -26.25
C THR A 338 26.02 -2.67 -26.00
N THR A 339 27.32 -2.68 -25.66
CA THR A 339 28.06 -3.85 -25.14
C THR A 339 27.60 -4.15 -23.69
N GLN A 340 27.57 -3.13 -22.83
CA GLN A 340 27.12 -3.24 -21.42
C GLN A 340 25.78 -4.05 -21.35
N GLU A 341 24.85 -3.75 -22.27
CA GLU A 341 23.49 -4.35 -22.31
C GLU A 341 23.58 -5.86 -22.61
N LEU A 342 24.55 -6.27 -23.44
CA LEU A 342 24.66 -7.64 -23.99
C LEU A 342 25.61 -8.48 -23.14
N SER A 343 26.28 -7.86 -22.17
CA SER A 343 27.41 -8.46 -21.40
C SER A 343 27.00 -9.85 -20.88
N SER A 344 25.79 -9.98 -20.31
CA SER A 344 25.30 -11.18 -19.59
C SER A 344 25.34 -12.41 -20.53
N ASN A 345 25.33 -12.18 -21.84
CA ASN A 345 25.14 -13.23 -22.87
C ASN A 345 25.28 -12.60 -24.25
N PRO A 346 26.52 -12.23 -24.66
CA PRO A 346 26.74 -11.49 -25.91
C PRO A 346 26.20 -12.16 -27.19
N PRO A 347 26.23 -13.50 -27.30
CA PRO A 347 25.76 -14.19 -28.51
C PRO A 347 24.26 -14.02 -28.88
N LEU A 348 23.44 -13.53 -27.92
CA LEU A 348 21.99 -13.29 -28.16
C LEU A 348 21.82 -12.17 -29.20
N ALA A 349 22.89 -11.42 -29.45
CA ALA A 349 22.90 -10.23 -30.32
C ALA A 349 22.36 -10.58 -31.71
N THR A 350 22.56 -11.84 -32.16
CA THR A 350 22.15 -12.31 -33.51
C THR A 350 20.64 -12.20 -33.67
N ILE A 351 19.88 -12.57 -32.64
CA ILE A 351 18.39 -12.58 -32.65
C ILE A 351 17.87 -11.18 -32.34
N LEU A 352 18.45 -10.52 -31.32
CA LEU A 352 17.96 -9.26 -30.74
C LEU A 352 18.08 -8.13 -31.78
N ILE A 353 18.96 -8.31 -32.76
CA ILE A 353 19.42 -7.25 -33.69
C ILE A 353 19.23 -7.74 -35.11
N PRO A 354 18.00 -7.64 -35.66
CA PRO A 354 17.72 -8.20 -36.98
C PRO A 354 18.58 -7.47 -38.00
N PRO A 355 18.80 -8.03 -39.22
CA PRO A 355 19.72 -7.41 -40.18
C PRO A 355 19.39 -5.92 -40.33
N HIS A 356 18.17 -5.60 -40.77
CA HIS A 356 17.63 -4.23 -40.99
C HIS A 356 17.93 -3.33 -39.77
N LYS B 2 12.67 -21.51 25.97
CA LYS B 2 12.40 -22.94 26.31
C LYS B 2 11.46 -23.56 25.25
N VAL B 3 12.04 -24.14 24.18
CA VAL B 3 11.36 -25.05 23.21
C VAL B 3 11.43 -26.49 23.75
N SER B 4 10.27 -27.13 23.93
CA SER B 4 10.13 -28.53 24.42
C SER B 4 9.10 -29.30 23.57
N ARG B 5 8.77 -30.53 23.97
CA ARG B 5 7.59 -31.31 23.49
C ARG B 5 6.70 -31.66 24.69
N ASP B 6 5.41 -31.93 24.44
CA ASP B 6 4.35 -32.06 25.49
C ASP B 6 4.13 -33.55 25.81
N LYS B 7 2.96 -33.89 26.36
CA LYS B 7 2.51 -35.28 26.63
C LYS B 7 2.16 -35.97 25.30
N ASP B 8 1.75 -35.19 24.29
CA ASP B 8 1.30 -35.69 22.96
C ASP B 8 2.34 -35.33 21.88
N GLY B 9 3.52 -34.86 22.29
CA GLY B 9 4.69 -34.64 21.40
C GLY B 9 4.56 -33.37 20.56
N SER B 10 3.58 -32.50 20.86
CA SER B 10 3.38 -31.18 20.22
C SER B 10 4.51 -30.23 20.63
N LYS B 11 5.03 -29.44 19.68
CA LYS B 11 6.13 -28.46 19.91
C LYS B 11 5.60 -27.28 20.75
N VAL B 12 5.94 -27.25 22.05
CA VAL B 12 5.52 -26.18 23.01
C VAL B 12 6.65 -25.14 23.13
N THR B 13 6.33 -23.86 22.92
CA THR B 13 7.21 -22.69 23.24
C THR B 13 6.88 -22.19 24.64
N THR B 14 7.89 -22.02 25.50
CA THR B 14 7.73 -21.41 26.85
C THR B 14 8.60 -20.15 26.93
N VAL B 15 8.01 -19.04 27.39
CA VAL B 15 8.59 -17.68 27.36
C VAL B 15 8.21 -16.98 28.67
N VAL B 16 8.96 -15.95 29.04
CA VAL B 16 8.72 -15.13 30.27
C VAL B 16 8.16 -13.80 29.82
N ALA B 17 6.87 -13.54 30.17
CA ALA B 17 6.04 -12.47 29.62
C ALA B 17 5.41 -11.66 30.75
N THR B 18 5.28 -10.35 30.54
CA THR B 18 4.66 -9.39 31.48
C THR B 18 3.19 -9.25 31.14
N PRO B 19 2.27 -9.43 32.11
CA PRO B 19 0.86 -9.13 31.87
C PRO B 19 0.71 -7.80 31.13
N GLY B 20 -0.28 -7.70 30.23
CA GLY B 20 -0.53 -6.50 29.42
C GLY B 20 -1.10 -5.39 30.26
N GLN B 21 -2.00 -5.74 31.17
CA GLN B 21 -2.62 -4.83 32.15
C GLN B 21 -2.47 -5.48 33.52
N GLY B 22 -2.39 -4.66 34.58
CA GLY B 22 -2.06 -5.11 35.94
C GLY B 22 -0.56 -5.02 36.21
N PRO B 23 -0.08 -5.60 37.33
CA PRO B 23 1.27 -5.32 37.83
C PRO B 23 2.35 -5.85 36.88
N ASP B 24 3.47 -5.13 36.78
CA ASP B 24 4.64 -5.49 35.94
C ASP B 24 5.36 -6.70 36.55
N ARG B 25 4.75 -7.90 36.47
CA ARG B 25 5.14 -9.12 37.24
C ARG B 25 5.30 -10.31 36.29
N PRO B 26 6.49 -10.51 35.69
CA PRO B 26 6.66 -11.52 34.65
C PRO B 26 6.39 -12.95 35.13
N GLN B 27 5.39 -13.59 34.53
CA GLN B 27 5.11 -15.04 34.70
C GLN B 27 5.62 -15.80 33.47
N GLU B 28 5.83 -17.10 33.61
CA GLU B 28 6.12 -18.02 32.48
C GLU B 28 4.82 -18.31 31.74
N VAL B 29 4.88 -18.25 30.40
CA VAL B 29 3.72 -18.48 29.48
C VAL B 29 4.12 -19.53 28.43
N SER B 30 3.24 -20.49 28.14
CA SER B 30 3.48 -21.60 27.19
C SER B 30 2.39 -21.59 26.11
N TYR B 31 2.78 -21.63 24.84
CA TYR B 31 1.86 -21.70 23.68
C TYR B 31 2.39 -22.69 22.65
N THR B 32 1.51 -23.20 21.79
CA THR B 32 1.80 -24.17 20.71
C THR B 32 0.94 -23.82 19.48
N ASP B 33 1.05 -24.63 18.42
CA ASP B 33 0.25 -24.51 17.16
C ASP B 33 0.56 -23.18 16.49
N THR B 34 1.82 -22.77 16.52
CA THR B 34 2.30 -21.47 16.02
C THR B 34 2.27 -21.47 14.49
N LYS B 35 1.61 -20.48 13.86
CA LYS B 35 1.61 -20.27 12.38
C LYS B 35 1.45 -18.78 12.05
N VAL B 36 2.06 -18.37 10.92
CA VAL B 36 2.09 -16.98 10.39
C VAL B 36 0.75 -16.66 9.74
N ILE B 37 0.05 -15.63 10.20
CA ILE B 37 -1.26 -15.19 9.62
C ILE B 37 -1.11 -13.79 9.00
N GLY B 38 0.06 -13.19 9.07
CA GLY B 38 0.26 -11.82 8.59
C GLY B 38 1.70 -11.40 8.60
N ASN B 39 2.02 -10.34 7.84
CA ASN B 39 3.35 -9.67 7.86
C ASN B 39 3.24 -8.29 7.22
N GLY B 40 4.19 -7.41 7.56
CA GLY B 40 4.32 -6.04 7.04
C GLY B 40 5.68 -5.46 7.39
N SER B 41 5.88 -4.17 7.15
CA SER B 41 7.10 -3.42 7.53
C SER B 41 7.42 -3.70 9.00
N PHE B 42 6.38 -3.90 9.82
CA PHE B 42 6.46 -4.01 11.31
C PHE B 42 7.10 -5.34 11.72
N GLY B 43 6.74 -6.40 11.00
CA GLY B 43 7.26 -7.76 11.20
C GLY B 43 6.25 -8.79 10.79
N VAL B 44 6.06 -9.80 11.64
CA VAL B 44 5.15 -10.95 11.39
C VAL B 44 4.06 -10.94 12.45
N VAL B 45 2.88 -11.47 12.10
CA VAL B 45 1.78 -11.84 13.04
C VAL B 45 1.55 -13.35 12.96
N TYR B 46 1.44 -13.99 14.12
CA TYR B 46 1.25 -15.45 14.31
C TYR B 46 -0.10 -15.71 14.96
N GLN B 47 -0.63 -16.90 14.71
CA GLN B 47 -1.58 -17.59 15.58
C GLN B 47 -0.81 -18.60 16.40
N ALA B 48 -1.11 -18.69 17.69
CA ALA B 48 -0.72 -19.79 18.58
C ALA B 48 -1.86 -20.04 19.58
N LYS B 49 -1.75 -21.15 20.32
CA LYS B 49 -2.74 -21.58 21.34
C LYS B 49 -2.04 -21.62 22.68
N LEU B 50 -2.55 -20.88 23.66
CA LEU B 50 -2.12 -20.97 25.07
C LEU B 50 -2.36 -22.38 25.57
N CYS B 51 -1.30 -23.05 26.01
CA CYS B 51 -1.34 -24.41 26.60
C CYS B 51 -2.35 -24.46 27.76
N ASP B 52 -2.09 -23.69 28.82
CA ASP B 52 -2.88 -23.73 30.10
C ASP B 52 -4.37 -23.75 29.80
N SER B 53 -4.87 -22.81 28.98
CA SER B 53 -6.32 -22.47 28.85
C SER B 53 -6.88 -22.89 27.46
N GLY B 54 -6.01 -23.20 26.50
CA GLY B 54 -6.42 -23.60 25.14
C GLY B 54 -6.92 -22.42 24.29
N GLU B 55 -6.97 -21.20 24.88
CA GLU B 55 -7.35 -19.93 24.20
C GLU B 55 -6.42 -19.67 23.03
N LEU B 56 -6.94 -19.09 21.97
CA LEU B 56 -6.18 -18.69 20.77
C LEU B 56 -5.75 -17.24 20.92
N VAL B 57 -4.62 -16.90 20.35
CA VAL B 57 -4.02 -15.55 20.45
C VAL B 57 -3.43 -15.20 19.09
N ALA B 58 -3.24 -13.91 18.86
CA ALA B 58 -2.31 -13.37 17.89
C ALA B 58 -1.02 -12.98 18.64
N ILE B 59 0.14 -13.19 18.01
CA ILE B 59 1.43 -12.64 18.47
C ILE B 59 2.02 -11.79 17.34
N LYS B 60 2.13 -10.48 17.59
CA LYS B 60 2.77 -9.50 16.67
C LYS B 60 4.24 -9.35 17.07
N LYS B 61 5.15 -9.81 16.23
CA LYS B 61 6.63 -9.74 16.49
C LYS B 61 7.22 -8.57 15.73
N VAL B 62 7.62 -7.52 16.43
CA VAL B 62 8.29 -6.30 15.85
C VAL B 62 9.75 -6.26 16.31
N LEU B 63 10.60 -5.59 15.54
CA LEU B 63 12.01 -5.29 15.87
C LEU B 63 12.05 -4.12 16.86
N GLN B 64 12.87 -4.22 17.90
CA GLN B 64 12.95 -3.22 18.99
C GLN B 64 14.37 -2.64 19.08
N ASP B 65 14.55 -1.40 18.58
CA ASP B 65 15.71 -0.51 18.92
C ASP B 65 15.89 -0.50 20.43
N LYS B 66 16.91 -1.20 20.94
CA LYS B 66 17.25 -1.30 22.39
C LYS B 66 17.09 0.08 23.04
N ARG B 67 17.49 1.15 22.32
CA ARG B 67 17.68 2.52 22.84
C ARG B 67 16.33 3.28 22.80
N PHE B 68 15.57 3.15 21.71
CA PHE B 68 14.19 3.68 21.54
C PHE B 68 13.22 2.86 22.41
N LYS B 69 12.23 3.52 23.03
CA LYS B 69 11.07 2.88 23.75
C LYS B 69 9.88 2.76 22.80
N ASN B 70 9.04 1.73 23.00
CA ASN B 70 8.03 1.29 22.00
C ASN B 70 6.72 2.07 22.22
N ARG B 71 6.42 2.98 21.30
CA ARG B 71 5.16 3.78 21.29
C ARG B 71 3.96 2.83 21.44
N GLU B 72 3.89 1.82 20.60
CA GLU B 72 2.71 0.94 20.48
C GLU B 72 2.48 0.22 21.81
N LEU B 73 3.54 -0.33 22.39
CA LEU B 73 3.49 -1.03 23.70
C LEU B 73 2.86 -0.11 24.74
N GLN B 74 3.32 1.14 24.80
CA GLN B 74 2.94 2.09 25.88
C GLN B 74 1.44 2.35 25.82
N ILE B 75 0.90 2.55 24.61
CA ILE B 75 -0.55 2.76 24.33
C ILE B 75 -1.33 1.49 24.69
N MET B 76 -0.94 0.35 24.13
CA MET B 76 -1.61 -0.96 24.38
C MET B 76 -1.81 -1.15 25.88
N ARG B 77 -0.86 -0.71 26.70
CA ARG B 77 -0.84 -0.98 28.17
C ARG B 77 -1.88 -0.10 28.87
N LYS B 78 -2.16 1.10 28.35
CA LYS B 78 -3.18 2.04 28.92
C LYS B 78 -4.60 1.49 28.66
N LEU B 79 -4.82 0.84 27.50
CA LEU B 79 -6.17 0.62 26.89
C LEU B 79 -6.89 -0.59 27.54
N ASP B 80 -8.15 -0.42 27.94
CA ASP B 80 -9.05 -1.51 28.42
C ASP B 80 -10.48 -1.18 28.00
N HIS B 81 -11.01 -1.88 26.99
CA HIS B 81 -12.31 -1.59 26.35
C HIS B 81 -12.85 -2.81 25.59
N CYS B 82 -14.17 -3.01 25.63
CA CYS B 82 -14.88 -4.20 25.08
C CYS B 82 -14.77 -4.22 23.53
N ASN B 83 -14.32 -3.11 22.92
CA ASN B 83 -14.23 -2.96 21.43
C ASN B 83 -12.79 -2.62 21.02
N ILE B 84 -11.84 -3.00 21.84
CA ILE B 84 -10.38 -2.95 21.52
C ILE B 84 -9.78 -4.30 21.92
N VAL B 85 -8.98 -4.88 21.05
CA VAL B 85 -8.35 -6.20 21.27
C VAL B 85 -7.43 -6.07 22.48
N ARG B 86 -7.48 -7.05 23.37
CA ARG B 86 -6.75 -7.04 24.65
C ARG B 86 -5.31 -7.47 24.39
N LEU B 87 -4.36 -6.65 24.83
CA LEU B 87 -2.98 -7.12 25.13
C LEU B 87 -3.05 -7.99 26.36
N ARG B 88 -2.81 -9.30 26.23
CA ARG B 88 -2.76 -10.28 27.34
C ARG B 88 -1.37 -10.24 28.00
N TYR B 89 -0.32 -10.12 27.18
CA TYR B 89 1.10 -10.22 27.60
C TYR B 89 1.99 -9.60 26.52
N PHE B 90 3.18 -9.13 26.89
CA PHE B 90 4.32 -8.89 25.98
C PHE B 90 5.55 -9.64 26.48
N PHE B 91 6.48 -9.93 25.57
CA PHE B 91 7.80 -10.51 25.88
C PHE B 91 8.76 -10.22 24.74
N TYR B 92 10.03 -10.61 24.91
CA TYR B 92 11.16 -10.35 23.99
C TYR B 92 11.81 -11.68 23.60
N SER B 93 12.48 -11.72 22.44
CA SER B 93 13.04 -12.95 21.86
C SER B 93 14.10 -12.62 20.81
N SER B 94 14.83 -13.65 20.34
CA SER B 94 15.58 -13.69 19.07
C SER B 94 14.62 -14.03 17.91
N ASP B 99 22.10 -10.51 16.26
CA ASP B 99 22.12 -10.21 17.71
C ASP B 99 21.11 -9.10 18.00
N GLU B 100 19.90 -9.22 17.43
CA GLU B 100 18.83 -8.19 17.44
C GLU B 100 17.68 -8.63 18.36
N VAL B 101 17.01 -7.65 18.99
CA VAL B 101 15.93 -7.85 20.01
C VAL B 101 14.56 -7.53 19.37
N TYR B 102 13.61 -8.44 19.54
CA TYR B 102 12.24 -8.34 19.00
C TYR B 102 11.26 -8.24 20.17
N LEU B 103 10.25 -7.36 20.02
CA LEU B 103 9.10 -7.25 20.95
C LEU B 103 7.96 -8.11 20.41
N ASN B 104 7.41 -8.98 21.26
CA ASN B 104 6.25 -9.85 20.95
C ASN B 104 5.04 -9.38 21.76
N LEU B 105 3.98 -8.95 21.09
CA LEU B 105 2.65 -8.63 21.70
C LEU B 105 1.71 -9.82 21.50
N VAL B 106 1.16 -10.32 22.61
CA VAL B 106 0.21 -11.47 22.67
C VAL B 106 -1.18 -10.91 22.95
N LEU B 107 -2.07 -11.06 21.98
CA LEU B 107 -3.42 -10.43 21.92
C LEU B 107 -4.46 -11.53 21.75
N ASP B 108 -5.69 -11.31 22.21
CA ASP B 108 -6.85 -12.17 21.91
C ASP B 108 -6.87 -12.40 20.39
N TYR B 109 -6.96 -13.67 19.96
CA TYR B 109 -7.38 -14.01 18.58
C TYR B 109 -8.84 -13.62 18.40
N VAL B 110 -9.17 -13.03 17.26
CA VAL B 110 -10.57 -12.76 16.85
C VAL B 110 -10.76 -13.25 15.42
N PRO B 111 -11.71 -14.18 15.21
CA PRO B 111 -11.67 -15.08 14.06
C PRO B 111 -11.87 -14.40 12.69
N GLU B 112 -12.67 -13.34 12.62
CA GLU B 112 -13.03 -12.66 11.34
C GLU B 112 -12.57 -11.20 11.39
N THR B 113 -12.65 -10.48 10.26
CA THR B 113 -12.54 -9.01 10.16
C THR B 113 -13.69 -8.47 9.33
N VAL B 114 -13.91 -7.17 9.37
CA VAL B 114 -14.96 -6.47 8.60
C VAL B 114 -14.61 -6.52 7.10
N TYR B 115 -13.32 -6.49 6.76
CA TYR B 115 -12.86 -6.52 5.35
C TYR B 115 -13.30 -7.84 4.71
N ARG B 116 -12.98 -8.95 5.37
CA ARG B 116 -13.20 -10.32 4.86
C ARG B 116 -14.69 -10.58 4.71
N VAL B 117 -15.49 -10.07 5.64
CA VAL B 117 -16.98 -10.16 5.62
C VAL B 117 -17.52 -9.35 4.44
N ALA B 118 -17.14 -8.07 4.33
CA ALA B 118 -17.62 -7.14 3.28
C ALA B 118 -17.34 -7.76 1.89
N ARG B 119 -16.23 -8.50 1.75
CA ARG B 119 -15.74 -9.02 0.45
C ARG B 119 -16.62 -10.19 0.01
N HIS B 120 -16.78 -11.20 0.88
CA HIS B 120 -17.76 -12.28 0.71
CA HIS B 120 -17.80 -12.27 0.76
C HIS B 120 -19.00 -11.72 -0.02
N TYR B 121 -19.54 -10.60 0.47
CA TYR B 121 -20.79 -9.97 -0.03
C TYR B 121 -20.54 -9.36 -1.39
N SER B 122 -19.48 -8.58 -1.53
CA SER B 122 -19.22 -7.75 -2.74
C SER B 122 -18.84 -8.68 -3.90
N ARG B 123 -18.12 -9.77 -3.62
CA ARG B 123 -17.78 -10.83 -4.60
C ARG B 123 -19.08 -11.49 -5.13
N ALA B 124 -20.13 -11.54 -4.31
CA ALA B 124 -21.46 -12.07 -4.66
C ALA B 124 -22.43 -10.92 -5.00
N LYS B 125 -21.89 -9.71 -5.22
CA LYS B 125 -22.59 -8.55 -5.82
C LYS B 125 -23.71 -8.05 -4.90
N GLN B 126 -23.69 -8.45 -3.63
CA GLN B 126 -24.67 -8.01 -2.60
C GLN B 126 -24.02 -7.07 -1.60
N THR B 127 -24.86 -6.33 -0.87
CA THR B 127 -24.47 -5.46 0.27
C THR B 127 -24.83 -6.15 1.58
N LEU B 128 -23.90 -6.13 2.51
CA LEU B 128 -24.13 -6.39 3.95
C LEU B 128 -25.46 -5.77 4.37
N PRO B 129 -26.38 -6.55 4.98
CA PRO B 129 -27.58 -5.95 5.57
C PRO B 129 -27.24 -4.86 6.59
N VAL B 130 -28.02 -3.78 6.59
CA VAL B 130 -27.76 -2.52 7.33
C VAL B 130 -27.64 -2.78 8.84
N ILE B 131 -28.23 -3.84 9.35
CA ILE B 131 -28.17 -4.15 10.80
C ILE B 131 -26.72 -4.55 11.16
N TYR B 132 -26.00 -5.19 10.24
CA TYR B 132 -24.57 -5.56 10.42
C TYR B 132 -23.72 -4.28 10.37
N VAL B 133 -24.00 -3.42 9.39
CA VAL B 133 -23.37 -2.07 9.25
C VAL B 133 -23.62 -1.28 10.54
N LYS B 134 -24.84 -1.24 11.05
CA LYS B 134 -25.18 -0.51 12.30
C LYS B 134 -24.31 -1.02 13.43
N LEU B 135 -24.35 -2.32 13.69
CA LEU B 135 -23.63 -2.98 14.81
C LEU B 135 -22.12 -2.67 14.71
N TYR B 136 -21.54 -2.79 13.52
CA TYR B 136 -20.08 -2.62 13.31
C TYR B 136 -19.72 -1.16 13.50
N MET B 137 -20.36 -0.24 12.78
CA MET B 137 -19.97 1.18 12.83
C MET B 137 -20.12 1.71 14.26
N TYR B 138 -21.26 1.47 14.92
CA TYR B 138 -21.55 1.97 16.30
C TYR B 138 -20.41 1.57 17.22
N GLN B 139 -20.00 0.31 17.15
CA GLN B 139 -18.96 -0.27 18.03
C GLN B 139 -17.61 0.39 17.72
N LEU B 140 -17.33 0.65 16.45
CA LEU B 140 -16.06 1.30 16.02
C LEU B 140 -15.99 2.67 16.66
N PHE B 141 -17.05 3.47 16.48
CA PHE B 141 -17.19 4.82 17.08
C PHE B 141 -16.97 4.73 18.59
N ARG B 142 -17.54 3.71 19.24
CA ARG B 142 -17.35 3.51 20.70
C ARG B 142 -15.85 3.40 20.98
N SER B 143 -15.16 2.53 20.27
CA SER B 143 -13.71 2.30 20.46
C SER B 143 -12.97 3.61 20.24
N LEU B 144 -13.34 4.36 19.19
CA LEU B 144 -12.70 5.65 18.81
C LEU B 144 -12.89 6.70 19.91
N ALA B 145 -14.06 6.73 20.54
CA ALA B 145 -14.39 7.71 21.59
C ALA B 145 -13.51 7.42 22.80
N TYR B 146 -13.48 6.17 23.28
CA TYR B 146 -12.52 5.67 24.30
C TYR B 146 -11.14 6.28 24.04
N ILE B 147 -10.53 5.94 22.91
CA ILE B 147 -9.08 6.23 22.65
C ILE B 147 -8.87 7.76 22.45
N HIS B 148 -9.84 8.46 21.87
CA HIS B 148 -9.77 9.93 21.60
C HIS B 148 -9.88 10.71 22.92
N SER B 149 -10.42 10.07 23.98
CA SER B 149 -10.57 10.64 25.34
C SER B 149 -9.25 10.57 26.10
N PHE B 150 -8.20 10.03 25.47
CA PHE B 150 -6.80 10.01 25.96
C PHE B 150 -5.91 10.78 24.99
N GLY B 151 -6.52 11.31 23.93
CA GLY B 151 -5.81 12.01 22.85
C GLY B 151 -5.02 11.05 21.99
N ILE B 152 -5.30 9.76 22.11
CA ILE B 152 -4.73 8.69 21.24
C ILE B 152 -5.53 8.63 19.94
N CYS B 153 -4.81 8.63 18.81
CA CYS B 153 -5.38 8.64 17.46
C CYS B 153 -4.81 7.45 16.69
N HIS B 154 -5.66 6.49 16.34
CA HIS B 154 -5.26 5.20 15.72
C HIS B 154 -4.44 5.46 14.46
N ARG B 155 -4.97 6.30 13.56
CA ARG B 155 -4.28 6.79 12.32
C ARG B 155 -4.15 5.66 11.28
N ASP B 156 -4.82 4.52 11.49
CA ASP B 156 -4.93 3.48 10.43
C ASP B 156 -6.27 2.73 10.55
N ILE B 157 -7.36 3.44 10.83
CA ILE B 157 -8.75 2.92 10.76
C ILE B 157 -9.04 2.45 9.32
N LYS B 158 -9.33 1.16 9.17
CA LYS B 158 -9.60 0.50 7.87
C LYS B 158 -10.17 -0.88 8.16
N PRO B 159 -10.99 -1.44 7.26
CA PRO B 159 -11.75 -2.62 7.55
C PRO B 159 -10.88 -3.83 7.96
N GLN B 160 -9.67 -3.96 7.41
CA GLN B 160 -8.74 -5.09 7.74
C GLN B 160 -8.28 -4.99 9.22
N ASN B 161 -8.47 -3.85 9.88
CA ASN B 161 -8.09 -3.61 11.31
C ASN B 161 -9.34 -3.55 12.17
N LEU B 162 -10.47 -3.98 11.65
CA LEU B 162 -11.72 -4.18 12.45
C LEU B 162 -12.02 -5.66 12.52
N LEU B 163 -11.59 -6.29 13.59
CA LEU B 163 -11.86 -7.70 13.91
C LEU B 163 -13.30 -7.82 14.37
N LEU B 164 -13.93 -8.96 14.09
CA LEU B 164 -15.26 -9.32 14.65
C LEU B 164 -15.36 -10.84 14.85
N ASP B 165 -15.99 -11.24 15.97
CA ASP B 165 -16.58 -12.59 16.26
C ASP B 165 -17.93 -12.73 15.54
N PRO B 166 -18.05 -13.59 14.51
CA PRO B 166 -19.26 -13.66 13.69
C PRO B 166 -20.58 -14.01 14.40
N ASP B 167 -20.51 -14.66 15.57
CA ASP B 167 -21.67 -15.17 16.33
C ASP B 167 -22.21 -14.09 17.28
N THR B 168 -21.32 -13.34 17.96
CA THR B 168 -21.69 -12.29 18.96
C THR B 168 -21.87 -10.93 18.25
N ALA B 169 -21.13 -10.72 17.15
CA ALA B 169 -21.03 -9.44 16.39
C ALA B 169 -20.24 -8.38 17.20
N VAL B 170 -19.45 -8.82 18.20
CA VAL B 170 -18.47 -7.97 18.93
C VAL B 170 -17.42 -7.47 17.94
N LEU B 171 -17.15 -6.16 17.94
CA LEU B 171 -16.07 -5.57 17.13
C LEU B 171 -14.93 -5.17 18.04
N LYS B 172 -13.71 -5.64 17.71
CA LYS B 172 -12.45 -5.21 18.38
C LYS B 172 -11.56 -4.52 17.34
N LEU B 173 -11.26 -3.25 17.59
CA LEU B 173 -10.21 -2.45 16.91
C LEU B 173 -8.87 -3.10 17.17
N CYS B 174 -7.99 -3.14 16.18
CA CYS B 174 -6.66 -3.77 16.35
C CYS B 174 -5.60 -3.02 15.51
N ASP B 175 -4.35 -3.42 15.65
CA ASP B 175 -3.18 -2.80 14.96
C ASP B 175 -3.05 -1.33 15.38
N PHE B 176 -2.42 -1.08 16.53
CA PHE B 176 -2.08 0.27 17.02
C PHE B 176 -0.65 0.65 16.58
N GLY B 177 -0.21 0.12 15.44
CA GLY B 177 1.16 0.29 14.91
C GLY B 177 1.39 1.69 14.33
N SER B 178 0.33 2.46 14.14
CA SER B 178 0.38 3.88 13.66
C SER B 178 -0.24 4.80 14.72
N ALA B 179 -0.70 4.26 15.82
CA ALA B 179 -1.35 5.07 16.87
C ALA B 179 -0.30 5.99 17.49
N LYS B 180 -0.74 7.08 18.10
CA LYS B 180 0.13 8.12 18.65
C LYS B 180 -0.75 9.07 19.45
N GLN B 181 -0.37 9.34 20.70
CA GLN B 181 -0.96 10.42 21.49
C GLN B 181 -0.62 11.76 20.83
N LEU B 182 -1.62 12.43 20.28
CA LEU B 182 -1.47 13.74 19.61
C LEU B 182 -1.27 14.82 20.67
N VAL B 183 -0.46 15.85 20.34
CA VAL B 183 -0.07 16.96 21.25
C VAL B 183 -0.12 18.27 20.45
N ARG B 184 -1.14 19.10 20.71
CA ARG B 184 -1.23 20.50 20.22
C ARG B 184 0.18 21.09 20.11
N GLY B 185 0.61 21.45 18.89
CA GLY B 185 1.85 22.21 18.63
C GLY B 185 2.99 21.32 18.18
N GLU B 186 2.97 20.03 18.53
CA GLU B 186 4.04 19.04 18.19
C GLU B 186 3.67 18.35 16.88
N PRO B 187 4.52 18.44 15.84
CA PRO B 187 4.12 18.05 14.48
C PRO B 187 3.99 16.52 14.31
N ASN B 188 3.14 16.09 13.36
CA ASN B 188 2.89 14.65 13.03
C ASN B 188 3.13 14.41 11.54
N VAL B 189 3.81 13.31 11.20
CA VAL B 189 3.94 12.77 9.80
C VAL B 189 2.57 12.80 9.09
N SER B 190 2.55 13.20 7.80
CA SER B 190 1.32 13.36 6.95
C SER B 190 1.06 12.13 6.08
N ILE B 192 0.46 8.95 6.30
CA ILE B 192 0.06 8.00 7.32
C ILE B 192 -1.30 7.44 6.87
N CYS B 193 -1.79 6.40 7.54
CA CYS B 193 -3.13 5.81 7.28
C CYS B 193 -3.13 5.18 5.90
N SER B 194 -3.96 4.17 5.64
CA SER B 194 -4.08 3.50 4.31
C SER B 194 -4.77 4.45 3.33
N ARG B 195 -4.35 4.41 2.06
CA ARG B 195 -4.69 5.42 1.05
C ARG B 195 -6.18 5.77 1.14
N TYR B 196 -7.04 4.77 0.96
CA TYR B 196 -8.51 4.94 0.76
C TYR B 196 -9.12 5.64 1.99
N TYR B 197 -8.57 5.39 3.17
CA TYR B 197 -9.12 5.82 4.49
C TYR B 197 -8.33 7.04 5.01
N ARG B 198 -7.46 7.61 4.16
CA ARG B 198 -6.60 8.78 4.51
C ARG B 198 -7.43 10.07 4.37
N ALA B 199 -7.60 10.83 5.46
CA ALA B 199 -8.33 12.12 5.50
C ALA B 199 -7.64 13.14 4.60
N PRO B 200 -8.40 14.03 3.92
CA PRO B 200 -7.85 14.85 2.83
C PRO B 200 -6.66 15.75 3.27
N GLU B 201 -6.73 16.35 4.46
CA GLU B 201 -5.67 17.22 5.04
C GLU B 201 -4.32 16.49 5.03
N LEU B 202 -4.30 15.17 5.23
CA LEU B 202 -3.06 14.36 5.22
C LEU B 202 -2.46 14.34 3.80
N ILE B 203 -3.31 14.31 2.78
CA ILE B 203 -2.91 14.29 1.35
C ILE B 203 -2.35 15.65 0.98
N PHE B 204 -2.70 16.69 1.76
CA PHE B 204 -2.27 18.10 1.57
C PHE B 204 -1.02 18.42 2.42
N GLY B 205 -0.52 17.43 3.18
CA GLY B 205 0.77 17.51 3.89
C GLY B 205 0.65 18.02 5.33
N ALA B 206 -0.57 18.26 5.82
CA ALA B 206 -0.82 18.73 7.19
C ALA B 206 0.05 17.90 8.15
N THR B 207 0.75 18.57 9.07
CA THR B 207 1.52 17.95 10.16
C THR B 207 0.90 18.33 11.51
N ASP B 208 -0.13 19.16 11.47
CA ASP B 208 -0.85 19.66 12.66
C ASP B 208 -2.34 19.30 12.53
N TYR B 209 -2.66 18.00 12.48
CA TYR B 209 -4.05 17.44 12.35
C TYR B 209 -4.55 17.02 13.74
N THR B 210 -5.70 16.32 13.79
CA THR B 210 -6.37 15.89 15.06
C THR B 210 -6.87 14.45 14.94
N SER B 211 -7.40 13.91 16.04
CA SER B 211 -8.02 12.57 16.12
C SER B 211 -9.31 12.53 15.26
N SER B 212 -9.67 13.64 14.62
CA SER B 212 -10.79 13.72 13.68
C SER B 212 -10.41 13.10 12.34
N ILE B 213 -9.15 12.71 12.16
CA ILE B 213 -8.73 12.00 10.90
C ILE B 213 -9.32 10.60 10.92
N ASP B 214 -9.54 10.04 12.13
CA ASP B 214 -10.05 8.66 12.33
C ASP B 214 -11.55 8.62 12.04
N VAL B 215 -12.23 9.74 12.22
CA VAL B 215 -13.67 9.90 11.91
C VAL B 215 -13.86 9.87 10.40
N TRP B 216 -13.07 10.63 9.67
CA TRP B 216 -12.99 10.49 8.20
C TRP B 216 -12.79 9.00 7.87
N SER B 217 -11.70 8.41 8.32
CA SER B 217 -11.38 6.98 8.08
C SER B 217 -12.66 6.14 8.29
N ALA B 218 -13.40 6.42 9.38
CA ALA B 218 -14.61 5.67 9.79
C ALA B 218 -15.71 5.88 8.76
N GLY B 219 -15.90 7.13 8.32
CA GLY B 219 -16.84 7.49 7.25
C GLY B 219 -16.59 6.69 5.99
N CYS B 220 -15.32 6.60 5.60
CA CYS B 220 -14.86 5.85 4.40
C CYS B 220 -15.29 4.40 4.50
N VAL B 221 -15.29 3.84 5.72
CA VAL B 221 -15.68 2.42 5.99
C VAL B 221 -17.22 2.30 5.86
N LEU B 222 -17.99 3.02 6.66
CA LEU B 222 -19.48 3.07 6.53
C LEU B 222 -19.85 3.12 5.04
N ALA B 223 -19.38 4.15 4.34
CA ALA B 223 -19.55 4.31 2.88
C ALA B 223 -19.27 2.97 2.21
N GLU B 224 -18.11 2.38 2.50
CA GLU B 224 -17.65 1.14 1.84
C GLU B 224 -18.72 0.08 2.03
N LEU B 225 -19.26 -0.05 3.26
CA LEU B 225 -20.19 -1.15 3.65
C LEU B 225 -21.54 -0.98 2.94
N LEU B 226 -21.98 0.27 2.73
CA LEU B 226 -23.21 0.62 1.96
C LEU B 226 -22.96 0.36 0.47
N LEU B 227 -21.81 0.81 -0.04
CA LEU B 227 -21.49 0.78 -1.50
C LEU B 227 -21.16 -0.65 -1.95
N GLY B 228 -20.42 -1.40 -1.14
CA GLY B 228 -19.86 -2.72 -1.50
C GLY B 228 -18.46 -2.62 -2.04
N GLN B 229 -17.88 -1.44 -1.97
CA GLN B 229 -16.52 -1.16 -2.50
C GLN B 229 -16.05 0.19 -1.96
N PRO B 230 -14.72 0.43 -1.90
CA PRO B 230 -14.21 1.69 -1.41
C PRO B 230 -14.78 2.88 -2.20
N ILE B 231 -15.22 3.90 -1.47
CA ILE B 231 -15.91 5.11 -2.01
C ILE B 231 -14.89 5.95 -2.79
N PHE B 232 -13.64 5.98 -2.32
CA PHE B 232 -12.54 6.84 -2.82
C PHE B 232 -11.36 5.99 -3.27
N PRO B 233 -11.50 5.22 -4.36
CA PRO B 233 -10.49 4.22 -4.74
C PRO B 233 -9.23 4.79 -5.42
N GLY B 234 -8.61 5.81 -4.81
CA GLY B 234 -7.37 6.40 -5.31
C GLY B 234 -6.38 5.34 -5.75
N ASP B 235 -5.72 5.55 -6.89
CA ASP B 235 -4.63 4.67 -7.40
C ASP B 235 -3.30 5.08 -6.75
N SER B 236 -3.16 6.37 -6.37
CA SER B 236 -1.95 6.97 -5.75
C SER B 236 -2.36 7.99 -4.66
N GLY B 237 -1.39 8.50 -3.91
CA GLY B 237 -1.60 9.39 -2.75
C GLY B 237 -2.36 10.65 -3.10
N VAL B 238 -2.16 11.20 -4.31
CA VAL B 238 -2.78 12.49 -4.74
C VAL B 238 -4.00 12.19 -5.60
N ASP B 239 -3.99 11.08 -6.31
CA ASP B 239 -5.17 10.59 -7.08
C ASP B 239 -6.33 10.34 -6.10
N GLN B 240 -6.02 9.86 -4.88
CA GLN B 240 -6.98 9.78 -3.75
C GLN B 240 -7.79 11.09 -3.70
N LEU B 241 -7.11 12.22 -3.65
CA LEU B 241 -7.75 13.55 -3.59
C LEU B 241 -8.66 13.73 -4.80
N VAL B 242 -8.20 13.34 -5.97
CA VAL B 242 -9.02 13.33 -7.20
C VAL B 242 -10.35 12.67 -6.86
N GLU B 243 -10.27 11.43 -6.34
CA GLU B 243 -11.43 10.54 -6.11
C GLU B 243 -12.35 11.18 -5.06
N ILE B 244 -11.80 11.77 -4.00
CA ILE B 244 -12.58 12.47 -2.94
C ILE B 244 -13.36 13.59 -3.61
N ILE B 245 -12.74 14.26 -4.60
CA ILE B 245 -13.29 15.49 -5.25
C ILE B 245 -14.42 15.08 -6.21
N LYS B 246 -14.29 13.92 -6.86
CA LYS B 246 -15.32 13.38 -7.80
C LYS B 246 -16.67 13.23 -7.07
N VAL B 247 -16.66 13.20 -5.73
CA VAL B 247 -17.90 13.14 -4.89
C VAL B 247 -18.16 14.53 -4.26
N LEU B 248 -17.20 15.05 -3.49
CA LEU B 248 -17.39 16.22 -2.59
C LEU B 248 -17.25 17.53 -3.39
N GLY B 249 -16.72 17.45 -4.60
CA GLY B 249 -16.31 18.62 -5.41
C GLY B 249 -15.09 19.29 -4.83
N THR B 250 -14.46 20.17 -5.58
CA THR B 250 -13.42 21.10 -5.07
C THR B 250 -13.88 21.71 -3.75
N PRO B 251 -13.01 21.79 -2.73
CA PRO B 251 -13.29 22.54 -1.52
C PRO B 251 -13.11 24.06 -1.70
N THR B 252 -13.90 24.85 -0.98
CA THR B 252 -13.66 26.30 -0.75
C THR B 252 -12.21 26.47 -0.28
N ARG B 253 -11.67 27.68 -0.40
CA ARG B 253 -10.32 28.05 0.09
C ARG B 253 -10.32 28.03 1.63
N GLU B 254 -11.45 28.40 2.25
CA GLU B 254 -11.66 28.43 3.73
C GLU B 254 -11.47 27.01 4.30
N GLN B 255 -11.99 26.01 3.60
CA GLN B 255 -11.82 24.58 3.99
C GLN B 255 -10.34 24.22 3.92
N ILE B 256 -9.71 24.45 2.77
CA ILE B 256 -8.29 24.11 2.48
C ILE B 256 -7.38 24.73 3.57
N ARG B 257 -7.82 25.82 4.19
CA ARG B 257 -7.10 26.47 5.32
C ARG B 257 -7.30 25.65 6.59
N GLU B 258 -8.55 25.22 6.85
CA GLU B 258 -8.94 24.43 8.04
C GLU B 258 -8.15 23.12 8.09
N MET B 259 -7.85 22.56 6.92
CA MET B 259 -7.09 21.31 6.74
C MET B 259 -5.61 21.57 7.02
N ASN B 260 -4.99 22.48 6.25
CA ASN B 260 -3.55 22.82 6.33
C ASN B 260 -3.37 24.28 5.97
N PRO B 261 -3.07 25.17 6.96
CA PRO B 261 -2.79 26.58 6.70
C PRO B 261 -1.55 26.77 5.80
N ASN B 262 -0.47 26.04 6.10
CA ASN B 262 0.80 26.00 5.30
C ASN B 262 0.73 24.82 4.32
N TYR B 263 0.22 25.07 3.10
CA TYR B 263 -0.05 24.03 2.06
C TYR B 263 0.78 24.35 0.81
N THR B 264 0.55 23.59 -0.26
CA THR B 264 1.25 23.74 -1.57
C THR B 264 0.24 23.57 -2.71
N GLU B 265 0.70 23.82 -3.94
CA GLU B 265 -0.15 23.98 -5.15
C GLU B 265 -0.44 22.60 -5.74
N PHE B 266 -1.71 22.18 -5.71
CA PHE B 266 -2.24 20.96 -6.41
C PHE B 266 -2.85 21.35 -7.76
N LYS B 267 -3.45 22.55 -7.83
CA LYS B 267 -3.92 23.19 -9.09
C LYS B 267 -4.74 22.18 -9.90
N PHE B 268 -5.94 21.85 -9.43
CA PHE B 268 -6.88 20.92 -10.09
C PHE B 268 -8.07 21.70 -10.65
N PRO B 269 -8.80 21.13 -11.63
CA PRO B 269 -9.99 21.78 -12.22
C PRO B 269 -11.16 21.89 -11.24
N GLN B 270 -11.91 23.00 -11.31
CA GLN B 270 -13.11 23.29 -10.47
C GLN B 270 -14.25 22.31 -10.85
N ILE B 271 -14.38 21.21 -10.09
CA ILE B 271 -15.47 20.20 -10.23
C ILE B 271 -16.56 20.49 -9.18
N LYS B 272 -17.83 20.28 -9.55
CA LYS B 272 -19.01 20.58 -8.69
C LYS B 272 -19.40 19.33 -7.89
N ALA B 273 -19.86 19.52 -6.65
CA ALA B 273 -20.25 18.45 -5.69
C ALA B 273 -21.38 17.59 -6.30
N HIS B 274 -21.14 16.27 -6.39
CA HIS B 274 -22.15 15.23 -6.72
C HIS B 274 -23.16 15.14 -5.58
N PRO B 275 -24.49 15.04 -5.88
CA PRO B 275 -25.49 14.86 -4.83
C PRO B 275 -25.24 13.56 -4.05
N TRP B 276 -25.34 13.63 -2.71
CA TRP B 276 -24.97 12.55 -1.77
C TRP B 276 -25.79 11.27 -2.04
N THR B 277 -27.10 11.43 -2.24
CA THR B 277 -28.07 10.32 -2.36
C THR B 277 -27.74 9.48 -3.60
N LYS B 278 -27.18 10.10 -4.64
CA LYS B 278 -26.98 9.47 -5.98
C LYS B 278 -25.65 8.70 -6.00
N VAL B 279 -24.81 8.93 -5.00
CA VAL B 279 -23.55 8.15 -4.75
C VAL B 279 -23.91 6.69 -4.48
N PHE B 280 -24.89 6.46 -3.61
CA PHE B 280 -25.27 5.12 -3.08
C PHE B 280 -26.32 4.51 -4.00
N ARG B 281 -26.72 3.26 -3.69
CA ARG B 281 -27.75 2.53 -4.47
C ARG B 281 -29.13 3.00 -4.01
N PRO B 282 -30.22 2.65 -4.73
CA PRO B 282 -31.51 3.33 -4.61
C PRO B 282 -32.24 3.14 -3.26
N ARG B 283 -32.09 1.99 -2.63
CA ARG B 283 -32.85 1.63 -1.41
C ARG B 283 -32.06 2.04 -0.16
N THR B 284 -30.88 2.62 -0.33
CA THR B 284 -29.96 2.96 0.77
C THR B 284 -30.71 3.78 1.80
N PRO B 285 -30.80 3.32 3.06
CA PRO B 285 -31.45 4.08 4.12
C PRO B 285 -30.97 5.51 4.13
N PRO B 286 -31.85 6.53 4.13
CA PRO B 286 -31.43 7.93 4.20
C PRO B 286 -30.64 8.28 5.47
N GLU B 287 -31.08 7.79 6.63
CA GLU B 287 -30.34 7.97 7.92
C GLU B 287 -28.86 7.68 7.68
N ALA B 288 -28.56 6.59 6.96
CA ALA B 288 -27.19 6.13 6.65
C ALA B 288 -26.47 7.21 5.83
N ILE B 289 -27.05 7.61 4.69
CA ILE B 289 -26.50 8.64 3.78
C ILE B 289 -26.25 9.94 4.56
N ALA B 290 -27.18 10.31 5.43
CA ALA B 290 -27.11 11.53 6.24
C ALA B 290 -25.87 11.47 7.14
N LEU B 291 -25.74 10.40 7.93
CA LEU B 291 -24.56 10.16 8.82
C LEU B 291 -23.27 10.22 7.99
N CYS B 292 -23.22 9.43 6.94
CA CYS B 292 -22.16 9.46 5.92
C CYS B 292 -21.74 10.92 5.64
N SER B 293 -22.69 11.81 5.31
CA SER B 293 -22.42 13.23 4.96
C SER B 293 -21.78 13.96 6.13
N ARG B 294 -22.19 13.64 7.35
CA ARG B 294 -21.74 14.36 8.58
C ARG B 294 -20.35 13.87 9.00
N LEU B 295 -19.87 12.79 8.38
CA LEU B 295 -18.51 12.22 8.64
C LEU B 295 -17.54 12.71 7.57
N LEU B 296 -17.91 12.57 6.29
CA LEU B 296 -17.04 12.93 5.15
C LEU B 296 -17.16 14.45 4.85
N GLU B 297 -16.77 15.30 5.83
CA GLU B 297 -16.62 16.78 5.69
C GLU B 297 -15.14 17.13 5.53
N TYR B 298 -14.83 18.05 4.62
CA TYR B 298 -13.48 18.64 4.39
C TYR B 298 -12.92 19.26 5.66
N THR B 299 -13.72 20.07 6.36
CA THR B 299 -13.27 20.88 7.53
C THR B 299 -13.21 19.98 8.75
N PRO B 300 -12.01 19.54 9.17
CA PRO B 300 -11.86 18.49 10.20
C PRO B 300 -12.72 18.71 11.45
N THR B 301 -12.97 19.97 11.80
CA THR B 301 -13.71 20.37 13.02
C THR B 301 -15.22 20.23 12.80
N ALA B 302 -15.66 20.02 11.55
CA ALA B 302 -17.10 19.90 11.13
C ALA B 302 -17.54 18.43 11.13
N ARG B 303 -16.61 17.50 10.94
CA ARG B 303 -16.85 16.03 11.11
C ARG B 303 -17.43 15.81 12.51
N LEU B 304 -18.42 14.92 12.63
CA LEU B 304 -18.97 14.49 13.95
C LEU B 304 -17.81 14.05 14.85
N THR B 305 -18.03 14.01 16.18
CA THR B 305 -17.21 13.25 17.15
C THR B 305 -17.69 11.80 17.18
N PRO B 306 -16.83 10.83 17.62
CA PRO B 306 -17.24 9.44 17.76
C PRO B 306 -18.47 9.26 18.65
N LEU B 307 -18.53 9.98 19.76
CA LEU B 307 -19.67 9.92 20.70
C LEU B 307 -20.89 10.51 20.01
N GLU B 308 -20.72 11.65 19.33
CA GLU B 308 -21.74 12.29 18.46
C GLU B 308 -22.28 11.25 17.46
N ALA B 309 -21.38 10.48 16.82
CA ALA B 309 -21.70 9.55 15.73
C ALA B 309 -22.58 8.41 16.26
N CYS B 310 -22.17 7.81 17.38
CA CYS B 310 -22.97 6.82 18.16
C CYS B 310 -24.40 7.33 18.40
N ALA B 311 -24.58 8.64 18.54
CA ALA B 311 -25.86 9.28 18.92
C ALA B 311 -26.72 9.54 17.68
N HIS B 312 -26.24 9.20 16.49
CA HIS B 312 -26.92 9.55 15.22
C HIS B 312 -28.11 8.60 15.03
N SER B 313 -29.17 9.07 14.37
CA SER B 313 -30.47 8.37 14.24
C SER B 313 -30.27 7.02 13.54
N PHE B 314 -29.20 6.88 12.76
CA PHE B 314 -28.84 5.63 12.02
C PHE B 314 -28.73 4.48 13.00
N PHE B 315 -28.43 4.77 14.27
CA PHE B 315 -28.18 3.77 15.32
C PHE B 315 -29.39 3.67 16.26
N ASP B 316 -30.52 4.25 15.89
CA ASP B 316 -31.78 4.17 16.69
C ASP B 316 -32.21 2.69 16.80
N GLU B 317 -32.16 1.93 15.71
CA GLU B 317 -32.60 0.51 15.67
C GLU B 317 -31.85 -0.28 16.75
N LEU B 318 -30.59 0.08 17.00
CA LEU B 318 -29.72 -0.56 18.04
C LEU B 318 -30.29 -0.30 19.43
N ARG B 319 -30.94 0.85 19.62
CA ARG B 319 -31.46 1.33 20.93
C ARG B 319 -32.92 0.87 21.12
N ASP B 320 -33.43 0.03 20.22
CA ASP B 320 -34.77 -0.61 20.36
C ASP B 320 -34.64 -1.79 21.33
N PRO B 321 -35.48 -1.85 22.38
CA PRO B 321 -35.44 -2.99 23.31
C PRO B 321 -35.61 -4.36 22.63
N ASN B 322 -36.30 -4.39 21.49
CA ASN B 322 -36.77 -5.64 20.80
C ASN B 322 -35.72 -6.14 19.80
N VAL B 323 -34.51 -5.59 19.84
CA VAL B 323 -33.46 -5.82 18.80
C VAL B 323 -32.75 -7.14 19.11
N LYS B 324 -32.45 -7.92 18.06
CA LYS B 324 -31.69 -9.17 18.16
C LYS B 324 -30.74 -9.29 16.97
N LEU B 325 -29.68 -10.08 17.13
CA LEU B 325 -28.83 -10.50 15.99
C LEU B 325 -29.67 -11.35 15.04
N PRO B 326 -29.36 -11.34 13.74
CA PRO B 326 -30.04 -12.21 12.78
C PRO B 326 -30.04 -13.72 13.10
N ASN B 327 -29.17 -14.16 14.01
CA ASN B 327 -29.00 -15.60 14.35
C ASN B 327 -29.82 -15.90 15.60
N GLY B 328 -30.55 -14.89 16.11
CA GLY B 328 -31.53 -15.04 17.19
C GLY B 328 -31.00 -14.54 18.52
N ARG B 329 -29.68 -14.48 18.69
CA ARG B 329 -29.00 -14.11 19.98
C ARG B 329 -29.13 -12.61 20.22
N ASP B 330 -29.05 -12.20 21.48
CA ASP B 330 -29.14 -10.76 21.89
C ASP B 330 -27.89 -10.05 21.39
N THR B 331 -27.94 -8.72 21.36
CA THR B 331 -26.83 -7.83 20.92
C THR B 331 -25.77 -7.78 22.02
N PRO B 332 -24.47 -7.64 21.66
CA PRO B 332 -23.42 -7.49 22.66
C PRO B 332 -23.65 -6.19 23.45
N ALA B 333 -22.98 -6.03 24.60
CA ALA B 333 -23.17 -4.89 25.53
C ALA B 333 -22.79 -3.60 24.80
N LEU B 334 -23.78 -2.76 24.50
CA LEU B 334 -23.63 -1.54 23.65
C LEU B 334 -23.80 -0.26 24.47
N PHE B 335 -24.24 -0.39 25.73
CA PHE B 335 -24.81 0.73 26.53
C PHE B 335 -23.99 0.96 27.79
N ASN B 336 -23.15 -0.01 28.19
CA ASN B 336 -22.42 0.00 29.49
C ASN B 336 -21.26 1.01 29.42
N PHE B 337 -21.55 2.28 29.14
CA PHE B 337 -20.56 3.38 29.05
C PHE B 337 -19.97 3.66 30.45
N THR B 338 -18.64 3.79 30.53
CA THR B 338 -17.92 4.32 31.71
C THR B 338 -18.09 5.84 31.77
N THR B 339 -17.42 6.50 32.72
CA THR B 339 -17.25 7.98 32.78
C THR B 339 -16.25 8.43 31.71
N GLN B 340 -15.09 7.78 31.63
CA GLN B 340 -14.03 8.09 30.63
C GLN B 340 -14.65 8.21 29.22
N GLU B 341 -15.57 7.30 28.89
CA GLU B 341 -16.20 7.19 27.55
C GLU B 341 -17.08 8.42 27.28
N LEU B 342 -17.74 8.95 28.31
CA LEU B 342 -18.77 10.03 28.19
C LEU B 342 -18.13 11.40 28.37
N SER B 343 -16.86 11.45 28.81
CA SER B 343 -16.14 12.70 29.20
C SER B 343 -16.33 13.78 28.11
N SER B 344 -16.18 13.41 26.83
CA SER B 344 -16.16 14.33 25.65
C SER B 344 -17.43 15.19 25.62
N ASN B 345 -18.52 14.71 26.23
CA ASN B 345 -19.88 15.29 26.09
C ASN B 345 -20.84 14.49 26.98
N PRO B 346 -20.75 14.64 28.33
CA PRO B 346 -21.53 13.79 29.26
C PRO B 346 -23.04 13.81 29.05
N PRO B 347 -23.66 14.96 28.65
CA PRO B 347 -25.11 15.03 28.44
C PRO B 347 -25.69 14.13 27.32
N LEU B 348 -24.86 13.59 26.44
CA LEU B 348 -25.31 12.68 25.35
C LEU B 348 -25.77 11.35 25.95
N ALA B 349 -25.47 11.11 27.23
CA ALA B 349 -25.81 9.87 27.97
C ALA B 349 -27.31 9.58 27.84
N THR B 350 -28.15 10.63 27.74
CA THR B 350 -29.63 10.52 27.67
C THR B 350 -30.05 9.72 26.44
N ILE B 351 -29.41 9.96 25.30
CA ILE B 351 -29.72 9.32 23.99
C ILE B 351 -29.02 7.95 23.92
N LEU B 352 -27.76 7.88 24.32
CA LEU B 352 -26.88 6.71 24.10
C LEU B 352 -27.33 5.56 25.00
N ILE B 353 -28.08 5.86 26.05
CA ILE B 353 -28.43 4.91 27.15
C ILE B 353 -29.95 4.89 27.31
N PRO B 354 -30.68 4.09 26.51
CA PRO B 354 -32.12 3.97 26.70
C PRO B 354 -32.42 3.39 28.08
N PRO B 355 -33.65 3.57 28.62
CA PRO B 355 -33.94 3.15 29.99
C PRO B 355 -33.51 1.70 30.23
N HIS B 356 -34.09 0.77 29.44
CA HIS B 356 -33.84 -0.69 29.47
C HIS B 356 -32.33 -0.97 29.51
#